data_1QD1
#
_entry.id   1QD1
#
_cell.length_a   64.31
_cell.length_b   103.84
_cell.length_c   122.77
_cell.angle_alpha   90.00
_cell.angle_beta   90.00
_cell.angle_gamma   90.00
#
_symmetry.space_group_name_H-M   'P 21 21 21'
#
loop_
_entity.id
_entity.type
_entity.pdbx_description
1 polymer FORMIMINOTRANSFERASE-CYCLODEAMINASE
2 non-polymer 'N-{[4-({[(6R)-2-amino-5-formyl-4-oxo-1,4,5,6,7,8-hexahydropteridin-6-yl]methyl}amino)phenyl]carbonyl}-L-glutamic acid'
3 non-polymer GLYCEROL
4 water water
#
_entity_poly.entity_id   1
_entity_poly.type   'polypeptide(L)'
_entity_poly.pdbx_seq_one_letter_code
;SQLVECVPNFSEGKNQEVIDAISRAVAQTPGCVLLDVDSGPSTNRTVYTFVGRPEDVVEGALNAARAAYQLIDMSRHHGE
HPRMGALDVCPFIPVRGVTMDECVRCAQAFGQRLAEELGVPVYLYGEAARTAGRQSLPALRAGEYEALPEKLKQAEWAPD
FGPSAFVPSWGATVAGARKFLLAFNINLLSTREQAHRIALDLREQGRGKDQPGRLKKVQAIGWYLDEKNLAQVSTNLLDF
EVTGLHTVFEETCREAQELSLPVVGSQLVGLVPLKALLDAAAFYCEKENLFLLQDEHRIRLVVNRLGLDSLAPFKPKERI
IEYLV
;
_entity_poly.pdbx_strand_id   A,B
#
loop_
_chem_comp.id
_chem_comp.type
_chem_comp.name
_chem_comp.formula
FON non-polymer 'N-{[4-({[(6R)-2-amino-5-formyl-4-oxo-1,4,5,6,7,8-hexahydropteridin-6-yl]methyl}amino)phenyl]carbonyl}-L-glutamic acid' 'C20 H23 N7 O7'
GOL non-polymer GLYCEROL 'C3 H8 O3'
#
# COMPACT_ATOMS: atom_id res chain seq x y z
N SER A 1 25.95 21.70 -12.60
CA SER A 1 26.15 21.02 -13.91
C SER A 1 24.82 20.77 -14.61
N GLN A 2 24.87 20.67 -15.94
CA GLN A 2 23.66 20.45 -16.72
C GLN A 2 23.06 19.08 -16.45
N LEU A 3 21.73 19.01 -16.47
N LEU A 3 21.73 19.01 -16.47
CA LEU A 3 21.05 17.74 -16.24
CA LEU A 3 21.04 17.75 -16.24
C LEU A 3 19.92 17.51 -17.23
C LEU A 3 19.92 17.52 -17.25
N VAL A 4 19.93 16.34 -17.86
CA VAL A 4 18.91 15.95 -18.83
C VAL A 4 18.37 14.62 -18.36
N GLU A 5 17.07 14.40 -18.54
CA GLU A 5 16.45 13.14 -18.14
C GLU A 5 16.24 12.32 -19.41
N CYS A 6 16.53 11.03 -19.34
CA CYS A 6 16.34 10.13 -20.48
C CYS A 6 15.48 8.99 -19.95
N VAL A 7 14.36 8.74 -20.64
CA VAL A 7 13.44 7.70 -20.18
C VAL A 7 13.13 6.68 -21.27
N PRO A 8 14.14 5.92 -21.71
CA PRO A 8 13.94 4.91 -22.75
C PRO A 8 13.09 3.71 -22.34
N ASN A 9 12.26 3.26 -23.28
CA ASN A 9 11.38 2.10 -23.07
C ASN A 9 11.91 0.97 -23.92
N PHE A 10 12.11 -0.20 -23.30
CA PHE A 10 12.61 -1.37 -24.03
C PHE A 10 11.57 -2.48 -24.03
N SER A 11 11.48 -3.20 -25.14
CA SER A 11 10.53 -4.28 -25.28
C SER A 11 10.94 -5.60 -24.64
N GLU A 12 11.06 -5.57 -23.31
CA GLU A 12 11.39 -6.75 -22.52
C GLU A 12 10.97 -6.44 -21.09
N GLY A 13 10.04 -7.24 -20.57
CA GLY A 13 9.59 -7.02 -19.20
C GLY A 13 9.45 -8.30 -18.41
N LYS A 14 9.96 -9.40 -18.97
CA LYS A 14 9.88 -10.71 -18.30
C LYS A 14 11.23 -11.28 -17.89
N ASN A 15 12.21 -11.23 -18.80
CA ASN A 15 13.53 -11.76 -18.54
C ASN A 15 14.37 -10.82 -17.68
N GLN A 16 14.47 -11.13 -16.39
CA GLN A 16 15.22 -10.28 -15.46
C GLN A 16 16.70 -10.16 -15.82
N GLU A 17 17.28 -11.19 -16.41
CA GLU A 17 18.70 -11.12 -16.77
C GLU A 17 18.90 -10.08 -17.87
N VAL A 18 17.96 -10.00 -18.79
CA VAL A 18 18.05 -9.03 -19.88
C VAL A 18 17.78 -7.63 -19.33
N ILE A 19 16.76 -7.52 -18.48
CA ILE A 19 16.42 -6.23 -17.88
C ILE A 19 17.62 -5.69 -17.10
N ASP A 20 18.24 -6.54 -16.31
CA ASP A 20 19.39 -6.15 -15.50
C ASP A 20 20.61 -5.78 -16.34
N ALA A 21 20.79 -6.48 -17.47
CA ALA A 21 21.92 -6.20 -18.34
C ALA A 21 21.80 -4.79 -18.90
N ILE A 22 20.59 -4.39 -19.25
CA ILE A 22 20.37 -3.05 -19.80
C ILE A 22 20.55 -2.02 -18.69
N SER A 23 20.11 -2.36 -17.48
CA SER A 23 20.27 -1.44 -16.35
C SER A 23 21.76 -1.20 -16.13
N ARG A 24 22.56 -2.27 -16.19
N ARG A 24 22.55 -2.28 -16.21
CA ARG A 24 23.99 -2.12 -16.00
CA ARG A 24 23.99 -2.18 -16.01
C ARG A 24 24.61 -1.26 -17.10
C ARG A 24 24.64 -1.32 -17.10
N ALA A 25 24.17 -1.46 -18.33
CA ALA A 25 24.69 -0.69 -19.45
C ALA A 25 24.54 0.81 -19.17
N VAL A 26 23.40 1.19 -18.61
CA VAL A 26 23.14 2.59 -18.29
C VAL A 26 23.94 3.05 -17.07
N ALA A 27 23.79 2.31 -15.97
CA ALA A 27 24.47 2.66 -14.72
C ALA A 27 25.98 2.72 -14.82
N GLN A 28 26.56 1.92 -15.71
CA GLN A 28 28.02 1.90 -15.86
C GLN A 28 28.54 2.95 -16.83
N THR A 29 27.64 3.72 -17.43
CA THR A 29 28.05 4.77 -18.36
C THR A 29 28.45 6.00 -17.54
N PRO A 30 29.67 6.49 -17.74
CA PRO A 30 30.14 7.67 -17.00
C PRO A 30 29.15 8.83 -17.09
N GLY A 31 28.82 9.41 -15.94
CA GLY A 31 27.91 10.53 -15.91
C GLY A 31 26.43 10.20 -15.83
N CYS A 32 26.08 8.93 -15.99
CA CYS A 32 24.68 8.54 -15.92
C CYS A 32 24.30 7.96 -14.57
N VAL A 33 23.16 8.38 -14.04
N VAL A 33 23.15 8.39 -14.06
CA VAL A 33 22.68 7.85 -12.77
CA VAL A 33 22.63 7.92 -12.79
C VAL A 33 21.27 7.32 -13.00
C VAL A 33 21.25 7.32 -13.04
N LEU A 34 21.12 6.01 -12.82
CA LEU A 34 19.85 5.33 -13.01
C LEU A 34 18.99 5.55 -11.77
N LEU A 35 17.84 6.18 -11.97
CA LEU A 35 16.94 6.49 -10.85
C LEU A 35 15.78 5.52 -10.67
N ASP A 36 15.38 4.86 -11.75
CA ASP A 36 14.25 3.94 -11.68
C ASP A 36 14.19 2.96 -12.85
N VAL A 37 13.70 1.76 -12.55
CA VAL A 37 13.53 0.71 -13.55
C VAL A 37 12.16 0.11 -13.22
N ASP A 38 11.25 0.19 -14.18
N ASP A 38 11.24 0.18 -14.17
CA ASP A 38 9.91 -0.34 -13.99
CA ASP A 38 9.89 -0.34 -13.97
C ASP A 38 9.61 -1.35 -15.09
C ASP A 38 9.57 -1.34 -15.08
N SER A 39 9.49 -2.62 -14.71
CA SER A 39 9.20 -3.69 -15.67
C SER A 39 7.85 -4.36 -15.47
N GLY A 40 7.18 -4.69 -16.58
CA GLY A 40 5.89 -5.34 -16.51
C GLY A 40 5.84 -6.56 -17.40
N PRO A 41 5.44 -7.74 -16.87
CA PRO A 41 5.38 -8.96 -17.69
C PRO A 41 4.25 -9.01 -18.74
N SER A 42 3.10 -8.41 -18.42
CA SER A 42 1.99 -8.40 -19.38
C SER A 42 2.24 -7.37 -20.47
N THR A 43 2.68 -6.19 -20.07
CA THR A 43 2.99 -5.16 -21.05
C THR A 43 4.26 -5.62 -21.76
N ASN A 44 5.04 -6.44 -21.07
CA ASN A 44 6.32 -6.96 -21.56
C ASN A 44 7.17 -5.81 -22.05
N ARG A 45 7.35 -4.84 -21.17
CA ARG A 45 8.09 -3.62 -21.46
C ARG A 45 8.73 -3.10 -20.18
N THR A 46 9.88 -2.44 -20.30
CA THR A 46 10.56 -1.87 -19.14
C THR A 46 10.92 -0.42 -19.43
N VAL A 47 10.67 0.44 -18.44
CA VAL A 47 10.99 1.86 -18.56
C VAL A 47 12.16 2.16 -17.65
N TYR A 48 13.20 2.77 -18.21
CA TYR A 48 14.37 3.14 -17.44
C TYR A 48 14.39 4.65 -17.34
N THR A 49 14.64 5.17 -16.14
CA THR A 49 14.70 6.61 -15.97
C THR A 49 16.07 6.98 -15.42
N PHE A 50 16.82 7.77 -16.18
CA PHE A 50 18.13 8.18 -15.72
C PHE A 50 18.43 9.63 -16.07
N VAL A 51 19.42 10.22 -15.38
CA VAL A 51 19.79 11.60 -15.63
C VAL A 51 21.31 11.73 -15.76
N GLY A 52 21.75 12.87 -16.29
CA GLY A 52 23.16 13.11 -16.47
C GLY A 52 23.34 14.29 -17.41
N ARG A 53 24.59 14.65 -17.71
CA ARG A 53 24.84 15.76 -18.62
C ARG A 53 24.32 15.36 -20.01
N PRO A 54 23.99 16.35 -20.85
CA PRO A 54 23.49 16.11 -22.20
C PRO A 54 24.20 14.99 -22.97
N GLU A 55 25.49 15.13 -23.21
CA GLU A 55 26.23 14.12 -23.95
C GLU A 55 26.31 12.79 -23.19
N ASP A 56 26.36 12.85 -21.87
CA ASP A 56 26.44 11.62 -21.08
C ASP A 56 25.21 10.74 -21.25
N VAL A 57 24.01 11.33 -21.23
CA VAL A 57 22.79 10.53 -21.38
C VAL A 57 22.67 9.96 -22.78
N VAL A 58 23.24 10.64 -23.77
CA VAL A 58 23.21 10.12 -25.13
C VAL A 58 24.07 8.85 -25.16
N GLU A 59 25.24 8.92 -24.53
CA GLU A 59 26.12 7.75 -24.50
C GLU A 59 25.48 6.62 -23.71
N GLY A 60 24.79 6.97 -22.62
CA GLY A 60 24.13 5.95 -21.81
C GLY A 60 23.02 5.25 -22.58
N ALA A 61 22.23 6.03 -23.31
CA ALA A 61 21.15 5.47 -24.10
C ALA A 61 21.72 4.57 -25.20
N LEU A 62 22.84 4.95 -25.79
CA LEU A 62 23.45 4.15 -26.84
C LEU A 62 24.01 2.84 -26.26
N ASN A 63 24.60 2.91 -25.08
CA ASN A 63 25.14 1.69 -24.46
C ASN A 63 23.99 0.75 -24.14
N ALA A 64 22.87 1.31 -23.69
CA ALA A 64 21.70 0.52 -23.37
C ALA A 64 21.17 -0.14 -24.64
N ALA A 65 21.17 0.62 -25.73
CA ALA A 65 20.68 0.11 -27.00
C ALA A 65 21.55 -1.02 -27.55
N ARG A 66 22.87 -0.89 -27.40
CA ARG A 66 23.77 -1.93 -27.90
C ARG A 66 23.57 -3.23 -27.13
N ALA A 67 23.33 -3.12 -25.84
CA ALA A 67 23.10 -4.32 -25.02
C ALA A 67 21.79 -4.95 -25.46
N ALA A 68 20.75 -4.13 -25.64
CA ALA A 68 19.45 -4.63 -26.05
C ALA A 68 19.49 -5.28 -27.42
N TYR A 69 20.29 -4.74 -28.33
CA TYR A 69 20.37 -5.29 -29.68
C TYR A 69 20.79 -6.76 -29.67
N GLN A 70 21.66 -7.11 -28.73
CA GLN A 70 22.16 -8.47 -28.63
C GLN A 70 21.28 -9.39 -27.78
N LEU A 71 20.44 -8.80 -26.94
CA LEU A 71 19.60 -9.56 -26.04
C LEU A 71 18.10 -9.67 -26.36
N ILE A 72 17.59 -8.76 -27.17
CA ILE A 72 16.17 -8.78 -27.51
C ILE A 72 15.93 -9.15 -28.96
N ASP A 73 14.99 -10.06 -29.18
CA ASP A 73 14.62 -10.51 -30.51
C ASP A 73 13.15 -10.17 -30.71
N MET A 74 12.90 -9.05 -31.38
CA MET A 74 11.53 -8.60 -31.61
C MET A 74 10.65 -9.56 -32.41
N SER A 75 11.25 -10.47 -33.17
CA SER A 75 10.45 -11.41 -33.95
C SER A 75 9.66 -12.35 -33.04
N ARG A 76 9.99 -12.36 -31.76
CA ARG A 76 9.30 -13.23 -30.80
C ARG A 76 8.61 -12.43 -29.71
N HIS A 77 8.60 -11.10 -29.85
CA HIS A 77 7.99 -10.26 -28.84
C HIS A 77 6.52 -9.92 -29.02
N HIS A 78 5.79 -10.00 -27.91
CA HIS A 78 4.38 -9.70 -27.85
C HIS A 78 4.12 -9.08 -26.48
N GLY A 79 3.25 -8.10 -26.41
CA GLY A 79 2.95 -7.46 -25.15
C GLY A 79 1.73 -6.56 -25.22
N GLU A 80 1.20 -6.17 -24.06
CA GLU A 80 0.04 -5.30 -24.01
C GLU A 80 0.30 -3.88 -24.49
N HIS A 81 1.51 -3.39 -24.25
CA HIS A 81 1.86 -2.03 -24.67
C HIS A 81 2.26 -2.03 -26.14
N PRO A 82 1.76 -1.06 -26.91
CA PRO A 82 2.09 -0.97 -28.34
C PRO A 82 3.60 -0.82 -28.49
N ARG A 83 4.18 -1.40 -29.53
CA ARG A 83 5.61 -1.29 -29.71
C ARG A 83 6.05 -1.65 -31.12
N MET A 84 7.21 -1.14 -31.53
CA MET A 84 7.71 -1.49 -32.85
C MET A 84 9.23 -1.67 -32.83
N GLY A 85 9.85 -1.46 -31.67
CA GLY A 85 11.30 -1.63 -31.58
C GLY A 85 11.82 -2.18 -30.26
N ALA A 86 13.00 -2.81 -30.30
CA ALA A 86 13.62 -3.37 -29.10
C ALA A 86 13.79 -2.23 -28.11
N LEU A 87 14.28 -1.09 -28.61
CA LEU A 87 14.36 0.13 -27.82
C LEU A 87 13.25 0.84 -28.60
N ASP A 88 12.06 0.90 -28.00
CA ASP A 88 10.89 1.47 -28.66
C ASP A 88 10.88 2.99 -28.78
N VAL A 89 11.10 3.68 -27.67
N VAL A 89 11.10 3.67 -27.66
CA VAL A 89 11.11 5.13 -27.67
CA VAL A 89 11.10 5.14 -27.66
C VAL A 89 12.19 5.62 -26.72
C VAL A 89 12.19 5.62 -26.72
N CYS A 90 12.90 6.67 -27.13
CA CYS A 90 13.97 7.24 -26.31
C CYS A 90 13.81 8.75 -26.27
N PRO A 91 13.17 9.27 -25.22
CA PRO A 91 12.95 10.70 -25.02
C PRO A 91 14.00 11.38 -24.17
N PHE A 92 14.29 12.63 -24.48
CA PHE A 92 15.24 13.42 -23.72
C PHE A 92 14.47 14.63 -23.21
N ILE A 93 14.54 14.85 -21.90
CA ILE A 93 13.82 15.92 -21.25
C ILE A 93 14.75 16.86 -20.46
N PRO A 94 14.53 18.18 -20.59
CA PRO A 94 15.40 19.11 -19.86
C PRO A 94 15.09 19.10 -18.36
N VAL A 95 16.13 19.08 -17.53
CA VAL A 95 15.93 19.09 -16.08
C VAL A 95 16.56 20.32 -15.42
N ARG A 96 17.84 20.54 -15.68
CA ARG A 96 18.55 21.67 -15.09
C ARG A 96 19.61 22.26 -16.02
N GLY A 97 19.57 23.58 -16.17
CA GLY A 97 20.54 24.26 -17.01
C GLY A 97 20.63 23.83 -18.46
N VAL A 98 19.53 23.35 -19.02
N VAL A 98 19.53 23.35 -19.01
CA VAL A 98 19.51 22.92 -20.41
CA VAL A 98 19.50 22.90 -20.40
C VAL A 98 18.21 23.35 -21.08
C VAL A 98 18.20 23.35 -21.08
N THR A 99 18.32 23.83 -22.31
CA THR A 99 17.16 24.30 -23.06
C THR A 99 16.53 23.14 -23.82
N MET A 100 15.28 23.31 -24.25
CA MET A 100 14.61 22.27 -25.01
C MET A 100 15.37 22.10 -26.32
N ASP A 101 15.88 23.19 -26.87
CA ASP A 101 16.63 23.13 -28.11
C ASP A 101 17.84 22.20 -27.97
N GLU A 102 18.55 22.28 -26.85
CA GLU A 102 19.70 21.39 -26.69
C GLU A 102 19.23 19.94 -26.59
N CYS A 103 18.10 19.71 -25.93
CA CYS A 103 17.58 18.35 -25.81
C CYS A 103 17.19 17.82 -27.19
N VAL A 104 16.69 18.70 -28.05
CA VAL A 104 16.34 18.30 -29.41
C VAL A 104 17.63 17.89 -30.11
N ARG A 105 18.71 18.62 -29.86
CA ARG A 105 19.99 18.27 -30.47
C ARG A 105 20.47 16.93 -29.94
N CYS A 106 20.18 16.64 -28.68
CA CYS A 106 20.58 15.35 -28.09
C CYS A 106 19.78 14.23 -28.74
N ALA A 107 18.48 14.48 -28.97
CA ALA A 107 17.63 13.49 -29.60
C ALA A 107 18.13 13.20 -31.01
N GLN A 108 18.50 14.25 -31.73
CA GLN A 108 19.00 14.11 -33.09
C GLN A 108 20.34 13.39 -33.13
N ALA A 109 21.23 13.71 -32.18
CA ALA A 109 22.54 13.06 -32.11
C ALA A 109 22.36 11.59 -31.78
N PHE A 110 21.55 11.30 -30.75
CA PHE A 110 21.31 9.92 -30.37
C PHE A 110 20.65 9.14 -31.51
N GLY A 111 19.63 9.75 -32.11
CA GLY A 111 18.91 9.08 -33.18
C GLY A 111 19.79 8.69 -34.35
N GLN A 112 20.64 9.60 -34.79
CA GLN A 112 21.52 9.30 -35.91
C GLN A 112 22.59 8.28 -35.56
N ARG A 113 23.23 8.43 -34.40
CA ARG A 113 24.27 7.48 -34.02
C ARG A 113 23.68 6.08 -33.83
N LEU A 114 22.49 6.00 -33.25
CA LEU A 114 21.84 4.71 -33.06
C LEU A 114 21.57 4.06 -34.41
N ALA A 115 20.92 4.81 -35.29
CA ALA A 115 20.57 4.32 -36.61
C ALA A 115 21.77 3.83 -37.41
N GLU A 116 22.82 4.64 -37.44
CA GLU A 116 24.01 4.29 -38.21
C GLU A 116 24.91 3.24 -37.57
N GLU A 117 24.93 3.19 -36.24
CA GLU A 117 25.76 2.21 -35.55
C GLU A 117 25.13 0.81 -35.56
N LEU A 118 23.82 0.74 -35.36
CA LEU A 118 23.13 -0.55 -35.34
C LEU A 118 22.50 -0.93 -36.67
N GLY A 119 22.49 0.00 -37.62
CA GLY A 119 21.91 -0.28 -38.92
C GLY A 119 20.41 -0.48 -38.86
N VAL A 120 19.72 0.43 -38.15
CA VAL A 120 18.28 0.34 -37.99
C VAL A 120 17.58 1.65 -38.30
N PRO A 121 16.28 1.59 -38.66
CA PRO A 121 15.54 2.81 -38.98
C PRO A 121 15.15 3.57 -37.71
N VAL A 122 15.38 4.88 -37.71
CA VAL A 122 15.05 5.70 -36.56
C VAL A 122 14.19 6.89 -36.98
N TYR A 123 13.14 7.15 -36.21
CA TYR A 123 12.24 8.27 -36.46
C TYR A 123 12.35 9.26 -35.31
N LEU A 124 12.17 10.55 -35.61
CA LEU A 124 12.21 11.61 -34.60
C LEU A 124 10.79 12.08 -34.28
N TYR A 125 10.49 12.25 -32.99
CA TYR A 125 9.16 12.71 -32.58
C TYR A 125 9.22 13.87 -31.59
N GLY A 126 8.05 14.32 -31.16
CA GLY A 126 7.99 15.42 -30.20
C GLY A 126 8.61 16.70 -30.71
N GLU A 127 9.32 17.41 -29.84
CA GLU A 127 9.96 18.67 -30.22
C GLU A 127 11.06 18.48 -31.25
N ALA A 128 11.46 17.24 -31.49
CA ALA A 128 12.51 16.95 -32.46
C ALA A 128 11.99 16.50 -33.81
N ALA A 129 10.67 16.36 -33.92
CA ALA A 129 10.04 15.92 -35.17
C ALA A 129 10.50 16.79 -36.34
N ARG A 130 10.77 16.15 -37.47
N ARG A 130 10.76 16.16 -37.47
CA ARG A 130 11.22 16.83 -38.67
CA ARG A 130 11.20 16.89 -38.65
C ARG A 130 10.01 17.32 -39.48
C ARG A 130 10.00 17.36 -39.46
N THR A 131 8.85 16.75 -39.19
CA THR A 131 7.60 17.12 -39.85
C THR A 131 6.47 17.01 -38.84
N ALA A 132 5.43 17.82 -39.00
CA ALA A 132 4.30 17.82 -38.07
C ALA A 132 3.66 16.45 -37.86
N GLY A 133 3.59 15.66 -38.93
CA GLY A 133 2.98 14.35 -38.85
C GLY A 133 3.72 13.36 -37.96
N ARG A 134 4.97 13.66 -37.63
CA ARG A 134 5.77 12.77 -36.80
C ARG A 134 5.94 13.25 -35.36
N GLN A 135 5.23 14.31 -34.99
CA GLN A 135 5.32 14.82 -33.63
C GLN A 135 4.72 13.79 -32.67
N SER A 136 3.65 13.14 -33.11
CA SER A 136 2.95 12.14 -32.31
C SER A 136 3.56 10.75 -32.39
N LEU A 137 3.86 10.17 -31.23
CA LEU A 137 4.41 8.83 -31.17
C LEU A 137 3.39 7.80 -31.66
N PRO A 138 2.11 7.96 -31.25
CA PRO A 138 1.08 7.01 -31.68
C PRO A 138 0.96 6.92 -33.21
N ALA A 139 1.16 8.05 -33.88
CA ALA A 139 1.06 8.09 -35.34
C ALA A 139 2.22 7.31 -35.98
N LEU A 140 3.42 7.50 -35.43
CA LEU A 140 4.60 6.82 -35.95
C LEU A 140 4.55 5.32 -35.67
N ARG A 141 3.99 4.97 -34.52
CA ARG A 141 3.90 3.59 -34.06
C ARG A 141 2.68 2.81 -34.59
N ALA A 142 1.81 3.49 -35.34
CA ALA A 142 0.60 2.86 -35.88
C ALA A 142 0.90 1.61 -36.69
N GLY A 143 0.28 0.49 -36.29
CA GLY A 143 0.51 -0.76 -37.00
C GLY A 143 1.54 -1.60 -36.27
N GLU A 144 2.32 -0.92 -35.43
CA GLU A 144 3.36 -1.56 -34.62
C GLU A 144 4.42 -2.33 -35.41
N TYR A 145 5.15 -3.18 -34.70
CA TYR A 145 6.22 -3.99 -35.29
C TYR A 145 5.75 -4.76 -36.51
N GLU A 146 4.56 -5.32 -36.42
CA GLU A 146 3.99 -6.11 -37.51
C GLU A 146 3.80 -5.34 -38.82
N ALA A 147 3.58 -4.03 -38.73
CA ALA A 147 3.38 -3.22 -39.93
C ALA A 147 4.68 -2.68 -40.55
N LEU A 148 5.79 -2.82 -39.84
CA LEU A 148 7.06 -2.30 -40.35
C LEU A 148 7.48 -2.78 -41.73
N PRO A 149 7.44 -4.09 -41.98
CA PRO A 149 7.83 -4.59 -43.30
C PRO A 149 7.19 -3.82 -44.45
N GLU A 150 5.88 -3.60 -44.36
CA GLU A 150 5.16 -2.88 -45.40
C GLU A 150 5.38 -1.37 -45.36
N LYS A 151 5.44 -0.80 -44.17
CA LYS A 151 5.64 0.63 -44.02
C LYS A 151 6.98 1.07 -44.60
N LEU A 152 8.03 0.31 -44.28
CA LEU A 152 9.38 0.63 -44.77
C LEU A 152 9.53 0.60 -46.28
N LYS A 153 8.55 0.05 -46.97
CA LYS A 153 8.60 -0.01 -48.44
C LYS A 153 8.02 1.27 -49.03
N GLN A 154 7.38 2.07 -48.19
CA GLN A 154 6.76 3.32 -48.62
C GLN A 154 7.65 4.54 -48.40
N ALA A 155 7.78 5.38 -49.41
CA ALA A 155 8.59 6.58 -49.32
C ALA A 155 8.12 7.46 -48.16
N GLU A 156 6.81 7.43 -47.91
CA GLU A 156 6.23 8.23 -46.84
C GLU A 156 6.81 7.87 -45.47
N TRP A 157 7.18 6.60 -45.31
CA TRP A 157 7.72 6.14 -44.04
C TRP A 157 9.23 6.02 -43.98
N ALA A 158 9.93 6.73 -44.87
CA ALA A 158 11.38 6.69 -44.86
C ALA A 158 11.84 7.20 -43.49
N PRO A 159 12.74 6.47 -42.82
CA PRO A 159 13.21 6.91 -41.51
C PRO A 159 13.99 8.22 -41.56
N ASP A 160 14.05 8.92 -40.44
CA ASP A 160 14.77 10.17 -40.38
C ASP A 160 16.27 9.88 -40.42
N PHE A 161 16.66 8.75 -39.85
CA PHE A 161 18.06 8.33 -39.85
C PHE A 161 18.14 6.82 -40.07
N GLY A 162 19.24 6.36 -40.69
CA GLY A 162 19.43 4.95 -40.90
C GLY A 162 18.84 4.34 -42.17
N PRO A 163 19.14 3.06 -42.42
CA PRO A 163 18.64 2.33 -43.60
C PRO A 163 17.15 2.02 -43.50
N SER A 164 16.50 1.89 -44.65
CA SER A 164 15.07 1.58 -44.70
C SER A 164 14.81 0.09 -44.74
N ALA A 165 15.70 -0.69 -44.13
CA ALA A 165 15.57 -2.14 -44.13
C ALA A 165 14.85 -2.64 -42.89
N PHE A 166 14.17 -3.77 -43.04
CA PHE A 166 13.46 -4.37 -41.93
C PHE A 166 14.44 -5.30 -41.22
N VAL A 167 14.73 -5.00 -39.96
CA VAL A 167 15.64 -5.80 -39.15
C VAL A 167 14.76 -6.54 -38.14
N PRO A 168 14.47 -7.82 -38.42
CA PRO A 168 13.63 -8.68 -37.57
C PRO A 168 13.87 -8.63 -36.06
N SER A 169 15.13 -8.69 -35.65
CA SER A 169 15.41 -8.69 -34.22
C SER A 169 15.20 -7.35 -33.53
N TRP A 170 15.25 -6.27 -34.31
CA TRP A 170 15.12 -4.93 -33.72
C TRP A 170 13.87 -4.11 -34.02
N GLY A 171 13.45 -4.08 -35.28
CA GLY A 171 12.28 -3.28 -35.62
C GLY A 171 12.74 -1.85 -35.91
N ALA A 172 12.07 -0.87 -35.29
CA ALA A 172 12.43 0.53 -35.50
C ALA A 172 12.34 1.29 -34.17
N THR A 173 13.14 2.35 -34.06
CA THR A 173 13.17 3.15 -32.84
C THR A 173 12.72 4.58 -33.06
N VAL A 174 12.08 5.16 -32.05
CA VAL A 174 11.65 6.54 -32.12
C VAL A 174 12.42 7.31 -31.06
N ALA A 175 13.02 8.43 -31.44
CA ALA A 175 13.78 9.25 -30.51
C ALA A 175 13.24 10.67 -30.57
N GLY A 176 13.30 11.38 -29.45
CA GLY A 176 12.80 12.74 -29.46
C GLY A 176 13.04 13.47 -28.17
N ALA A 177 12.50 14.68 -28.08
CA ALA A 177 12.63 15.52 -26.90
C ALA A 177 11.22 15.99 -26.53
N ARG A 178 10.98 16.16 -25.24
CA ARG A 178 9.67 16.58 -24.77
C ARG A 178 9.75 17.05 -23.33
N LYS A 179 8.65 17.64 -22.86
CA LYS A 179 8.59 18.09 -21.47
C LYS A 179 8.23 16.86 -20.64
N PHE A 180 8.31 16.97 -19.32
CA PHE A 180 7.96 15.85 -18.45
C PHE A 180 6.61 15.26 -18.82
N LEU A 181 6.54 13.94 -18.84
CA LEU A 181 5.32 13.22 -19.15
C LEU A 181 5.03 12.29 -17.98
N LEU A 182 3.76 12.11 -17.63
CA LEU A 182 3.42 11.23 -16.52
C LEU A 182 2.75 9.96 -17.05
N ALA A 183 3.32 8.81 -16.72
CA ALA A 183 2.77 7.51 -17.15
C ALA A 183 1.92 7.09 -15.97
N PHE A 184 0.60 7.18 -16.17
CA PHE A 184 -0.38 6.93 -15.10
C PHE A 184 -1.44 5.93 -15.51
N ASN A 185 -1.54 4.82 -14.77
CA ASN A 185 -2.53 3.78 -15.08
C ASN A 185 -3.59 3.70 -14.00
N ILE A 186 -4.84 3.57 -14.40
CA ILE A 186 -5.93 3.46 -13.44
C ILE A 186 -6.45 2.03 -13.47
N ASN A 187 -6.53 1.40 -12.29
CA ASN A 187 -7.00 0.02 -12.20
C ASN A 187 -8.52 -0.11 -12.22
N LEU A 188 -9.00 -1.07 -13.00
CA LEU A 188 -10.44 -1.32 -13.10
C LEU A 188 -10.73 -2.81 -13.00
N LEU A 189 -11.79 -3.17 -12.30
CA LEU A 189 -12.17 -4.58 -12.22
C LEU A 189 -13.16 -4.69 -13.39
N SER A 190 -12.61 -4.92 -14.57
CA SER A 190 -13.40 -5.02 -15.79
C SER A 190 -12.65 -5.85 -16.83
N THR A 191 -13.21 -5.92 -18.02
CA THR A 191 -12.55 -6.66 -19.09
C THR A 191 -11.62 -5.70 -19.81
N ARG A 192 -10.74 -6.24 -20.63
CA ARG A 192 -9.81 -5.41 -21.39
C ARG A 192 -10.59 -4.49 -22.32
N GLU A 193 -11.63 -5.03 -22.96
CA GLU A 193 -12.42 -4.21 -23.88
C GLU A 193 -13.10 -3.03 -23.21
N GLN A 194 -13.63 -3.24 -22.00
CA GLN A 194 -14.29 -2.17 -21.29
C GLN A 194 -13.29 -1.07 -20.95
N ALA A 195 -12.10 -1.47 -20.54
CA ALA A 195 -11.08 -0.48 -20.19
C ALA A 195 -10.66 0.30 -21.44
N HIS A 196 -10.58 -0.38 -22.57
CA HIS A 196 -10.18 0.29 -23.79
C HIS A 196 -11.26 1.25 -24.28
N ARG A 197 -12.52 0.88 -24.09
CA ARG A 197 -13.63 1.75 -24.51
C ARG A 197 -13.55 3.06 -23.74
N ILE A 198 -13.24 2.97 -22.45
CA ILE A 198 -13.12 4.15 -21.61
C ILE A 198 -11.93 4.99 -22.09
N ALA A 199 -10.83 4.30 -22.40
CA ALA A 199 -9.63 4.98 -22.88
C ALA A 199 -9.93 5.80 -24.15
N LEU A 200 -10.72 5.21 -25.04
CA LEU A 200 -11.09 5.87 -26.28
C LEU A 200 -11.93 7.13 -26.05
N ASP A 201 -12.79 7.09 -25.05
CA ASP A 201 -13.64 8.24 -24.75
C ASP A 201 -12.89 9.34 -24.00
N LEU A 202 -11.81 8.98 -23.32
CA LEU A 202 -11.04 9.96 -22.56
C LEU A 202 -9.87 10.61 -23.27
N ARG A 203 -9.14 9.83 -24.08
CA ARG A 203 -7.98 10.37 -24.80
C ARG A 203 -8.40 11.55 -25.67
N GLU A 204 -7.52 12.53 -25.83
CA GLU A 204 -7.84 13.70 -26.63
C GLU A 204 -8.18 13.25 -28.06
N GLN A 205 -7.32 12.41 -28.64
CA GLN A 205 -7.52 11.91 -29.99
C GLN A 205 -8.88 11.26 -30.17
N GLY A 206 -9.49 10.84 -29.06
CA GLY A 206 -10.80 10.21 -29.11
C GLY A 206 -10.86 9.07 -30.10
N GLY A 213 -11.96 13.13 -27.73
CA GLY A 213 -12.08 12.70 -26.35
C GLY A 213 -12.30 13.85 -25.40
N ARG A 214 -12.48 13.54 -24.11
CA ARG A 214 -12.72 14.56 -23.10
C ARG A 214 -11.48 15.21 -22.49
N LEU A 215 -10.37 14.48 -22.47
CA LEU A 215 -9.15 15.02 -21.84
C LEU A 215 -8.07 15.56 -22.77
N LYS A 216 -7.83 16.86 -22.69
CA LYS A 216 -6.81 17.50 -23.50
C LYS A 216 -5.44 17.02 -23.04
N LYS A 217 -4.51 16.87 -23.98
CA LYS A 217 -3.15 16.45 -23.68
C LYS A 217 -3.01 15.13 -22.95
N VAL A 218 -3.92 14.21 -23.23
CA VAL A 218 -3.87 12.89 -22.62
C VAL A 218 -4.06 11.80 -23.67
N GLN A 219 -3.16 10.80 -23.64
CA GLN A 219 -3.24 9.67 -24.55
C GLN A 219 -3.68 8.51 -23.67
N ALA A 220 -4.44 7.57 -24.22
CA ALA A 220 -4.90 6.44 -23.43
C ALA A 220 -5.28 5.21 -24.25
N ILE A 221 -5.10 4.06 -23.61
CA ILE A 221 -5.45 2.77 -24.19
C ILE A 221 -5.84 1.89 -23.01
N GLY A 222 -6.49 0.76 -23.30
CA GLY A 222 -6.86 -0.13 -22.23
C GLY A 222 -6.17 -1.47 -22.41
N TRP A 223 -5.78 -2.10 -21.32
CA TRP A 223 -5.14 -3.41 -21.40
C TRP A 223 -5.44 -4.23 -20.17
N TYR A 224 -4.88 -5.42 -20.10
CA TYR A 224 -5.11 -6.31 -18.97
C TYR A 224 -3.80 -6.81 -18.36
N LEU A 225 -3.73 -6.80 -17.04
CA LEU A 225 -2.54 -7.28 -16.34
C LEU A 225 -2.86 -8.67 -15.82
N ASP A 226 -2.41 -9.69 -16.55
CA ASP A 226 -2.68 -11.06 -16.15
C ASP A 226 -2.09 -11.39 -14.79
N GLU A 227 -0.93 -10.82 -14.47
CA GLU A 227 -0.28 -11.10 -13.19
C GLU A 227 -1.01 -10.48 -12.00
N LYS A 228 -1.87 -9.50 -12.26
CA LYS A 228 -2.61 -8.86 -11.19
C LYS A 228 -4.12 -9.11 -11.31
N ASN A 229 -4.49 -9.82 -12.38
CA ASN A 229 -5.89 -10.15 -12.65
C ASN A 229 -6.82 -8.93 -12.58
N LEU A 230 -6.45 -7.88 -13.32
CA LEU A 230 -7.24 -6.66 -13.36
C LEU A 230 -6.91 -5.92 -14.64
N ALA A 231 -7.82 -5.03 -15.05
CA ALA A 231 -7.61 -4.24 -16.26
C ALA A 231 -7.11 -2.86 -15.87
N GLN A 232 -6.57 -2.13 -16.84
CA GLN A 232 -6.10 -0.79 -16.58
C GLN A 232 -6.40 0.14 -17.73
N VAL A 233 -6.72 1.38 -17.41
CA VAL A 233 -6.90 2.40 -18.42
C VAL A 233 -5.50 3.01 -18.31
N SER A 234 -4.65 2.75 -19.30
CA SER A 234 -3.28 3.26 -19.28
C SER A 234 -3.22 4.62 -19.96
N THR A 235 -2.71 5.62 -19.26
CA THR A 235 -2.65 6.97 -19.82
C THR A 235 -1.29 7.62 -19.76
N ASN A 236 -1.10 8.59 -20.65
CA ASN A 236 0.11 9.38 -20.66
C ASN A 236 -0.37 10.81 -20.53
N LEU A 237 0.07 11.51 -19.49
CA LEU A 237 -0.30 12.92 -19.33
C LEU A 237 0.83 13.70 -19.99
N LEU A 238 0.56 14.24 -21.17
CA LEU A 238 1.58 14.98 -21.92
C LEU A 238 1.92 16.34 -21.33
N ASP A 239 0.98 16.93 -20.58
CA ASP A 239 1.20 18.24 -19.97
C ASP A 239 0.28 18.31 -18.75
N PHE A 240 0.78 17.90 -17.59
CA PHE A 240 -0.03 17.88 -16.38
C PHE A 240 -0.55 19.26 -15.98
N GLU A 241 0.07 20.31 -16.50
CA GLU A 241 -0.38 21.67 -16.20
C GLU A 241 -1.70 21.92 -16.90
N VAL A 242 -1.96 21.19 -17.98
CA VAL A 242 -3.20 21.33 -18.73
C VAL A 242 -4.24 20.36 -18.17
N THR A 243 -3.85 19.09 -18.08
CA THR A 243 -4.74 18.07 -17.50
C THR A 243 -3.90 17.27 -16.52
N GLY A 244 -4.24 17.39 -15.23
CA GLY A 244 -3.48 16.70 -14.20
C GLY A 244 -3.96 15.33 -13.77
N LEU A 245 -3.24 14.74 -12.83
CA LEU A 245 -3.54 13.41 -12.32
C LEU A 245 -4.95 13.30 -11.74
N HIS A 246 -5.35 14.30 -10.97
CA HIS A 246 -6.67 14.29 -10.37
C HIS A 246 -7.76 14.22 -11.43
N THR A 247 -7.65 15.05 -12.46
CA THR A 247 -8.64 15.07 -13.52
C THR A 247 -8.74 13.74 -14.26
N VAL A 248 -7.59 13.17 -14.62
CA VAL A 248 -7.59 11.89 -15.33
C VAL A 248 -8.21 10.80 -14.47
N PHE A 249 -7.86 10.78 -13.18
CA PHE A 249 -8.39 9.77 -12.28
C PHE A 249 -9.90 9.91 -12.09
N GLU A 250 -10.35 11.12 -11.77
CA GLU A 250 -11.76 11.37 -11.56
C GLU A 250 -12.60 11.09 -12.80
N GLU A 251 -12.10 11.46 -13.97
CA GLU A 251 -12.82 11.22 -15.20
C GLU A 251 -12.94 9.72 -15.47
N THR A 252 -11.87 8.98 -15.22
CA THR A 252 -11.89 7.55 -15.43
C THR A 252 -12.88 6.91 -14.47
N CYS A 253 -12.90 7.41 -13.24
N CYS A 253 -12.90 7.40 -13.24
CA CYS A 253 -13.82 6.90 -12.23
CA CYS A 253 -13.82 6.86 -12.25
C CYS A 253 -15.25 7.10 -12.69
C CYS A 253 -15.26 7.10 -12.68
N ARG A 254 -15.53 8.29 -13.22
CA ARG A 254 -16.87 8.64 -13.68
C ARG A 254 -17.32 7.72 -14.82
N GLU A 255 -16.45 7.51 -15.79
CA GLU A 255 -16.78 6.65 -16.92
C GLU A 255 -17.02 5.22 -16.45
N ALA A 256 -16.21 4.76 -15.50
CA ALA A 256 -16.35 3.40 -14.97
C ALA A 256 -17.68 3.24 -14.24
N GLN A 257 -18.07 4.26 -13.47
CA GLN A 257 -19.33 4.21 -12.73
C GLN A 257 -20.52 4.11 -13.67
N GLU A 258 -20.41 4.75 -14.83
CA GLU A 258 -21.49 4.73 -15.83
C GLU A 258 -21.76 3.30 -16.28
N LEU A 259 -20.76 2.44 -16.14
CA LEU A 259 -20.88 1.05 -16.54
C LEU A 259 -20.89 0.10 -15.34
N SER A 260 -21.05 0.66 -14.16
CA SER A 260 -21.07 -0.13 -12.93
C SER A 260 -19.79 -0.95 -12.79
N LEU A 261 -18.67 -0.32 -13.13
CA LEU A 261 -17.36 -0.95 -13.04
C LEU A 261 -16.61 -0.19 -11.94
N PRO A 262 -15.96 -0.91 -11.02
CA PRO A 262 -15.24 -0.19 -9.96
C PRO A 262 -13.77 0.07 -10.25
N VAL A 263 -13.32 1.26 -9.85
CA VAL A 263 -11.92 1.63 -9.99
C VAL A 263 -11.31 1.21 -8.66
N VAL A 264 -10.11 0.66 -8.71
CA VAL A 264 -9.43 0.21 -7.50
C VAL A 264 -8.00 0.73 -7.47
N GLY A 265 -7.88 2.05 -7.32
CA GLY A 265 -6.57 2.65 -7.26
C GLY A 265 -5.91 2.90 -8.59
N SER A 266 -4.64 3.26 -8.54
CA SER A 266 -3.89 3.56 -9.74
C SER A 266 -2.42 3.26 -9.55
N GLN A 267 -1.66 3.54 -10.60
CA GLN A 267 -0.23 3.28 -10.58
C GLN A 267 0.53 4.26 -11.43
N LEU A 268 1.58 4.84 -10.84
CA LEU A 268 2.44 5.75 -11.59
C LEU A 268 3.62 4.91 -12.03
N VAL A 269 4.01 5.06 -13.29
CA VAL A 269 5.16 4.33 -13.82
C VAL A 269 6.28 5.35 -13.97
N GLY A 270 7.41 5.09 -13.31
CA GLY A 270 8.51 6.02 -13.40
C GLY A 270 8.41 7.11 -12.35
N LEU A 271 9.00 8.26 -12.64
CA LEU A 271 9.01 9.38 -11.70
C LEU A 271 7.95 10.43 -11.96
N VAL A 272 7.83 11.39 -11.05
CA VAL A 272 6.83 12.44 -11.18
C VAL A 272 7.31 13.75 -10.54
N PRO A 273 6.99 14.89 -11.17
CA PRO A 273 7.39 16.19 -10.63
C PRO A 273 6.54 16.47 -9.40
N LEU A 274 7.13 17.08 -8.38
CA LEU A 274 6.39 17.38 -7.16
C LEU A 274 5.10 18.16 -7.42
N LYS A 275 5.15 19.15 -8.29
CA LYS A 275 3.97 19.96 -8.56
C LYS A 275 2.78 19.18 -9.10
N ALA A 276 3.03 18.07 -9.79
CA ALA A 276 1.93 17.27 -10.32
C ALA A 276 1.14 16.69 -9.15
N LEU A 277 1.85 16.29 -8.09
CA LEU A 277 1.18 15.74 -6.93
C LEU A 277 0.54 16.85 -6.10
N LEU A 278 1.21 17.99 -5.99
CA LEU A 278 0.65 19.10 -5.22
C LEU A 278 -0.59 19.68 -5.91
N ASP A 279 -0.61 19.68 -7.24
CA ASP A 279 -1.79 20.18 -7.96
C ASP A 279 -2.97 19.27 -7.64
N ALA A 280 -2.73 17.96 -7.62
CA ALA A 280 -3.78 17.00 -7.32
C ALA A 280 -4.25 17.18 -5.89
N ALA A 281 -3.30 17.44 -4.98
CA ALA A 281 -3.65 17.64 -3.58
C ALA A 281 -4.59 18.84 -3.44
N ALA A 282 -4.29 19.91 -4.17
CA ALA A 282 -5.12 21.12 -4.11
C ALA A 282 -6.54 20.80 -4.57
N PHE A 283 -6.67 19.94 -5.58
CA PHE A 283 -7.98 19.55 -6.07
C PHE A 283 -8.82 18.90 -4.98
N TYR A 284 -8.24 17.94 -4.26
CA TYR A 284 -8.99 17.28 -3.21
C TYR A 284 -9.24 18.18 -2.02
N CYS A 285 -8.31 19.10 -1.75
CA CYS A 285 -8.49 20.03 -0.65
C CYS A 285 -9.65 20.97 -0.96
N GLU A 286 -9.78 21.36 -2.23
CA GLU A 286 -10.88 22.24 -2.63
C GLU A 286 -12.19 21.48 -2.51
N LYS A 287 -12.21 20.27 -3.06
CA LYS A 287 -13.38 19.41 -3.06
C LYS A 287 -13.87 19.08 -1.65
N GLU A 288 -12.92 18.82 -0.75
CA GLU A 288 -13.26 18.44 0.61
C GLU A 288 -13.14 19.53 1.67
N ASN A 289 -12.85 20.75 1.24
CA ASN A 289 -12.74 21.89 2.17
C ASN A 289 -11.65 21.65 3.21
N LEU A 290 -10.48 21.21 2.77
CA LEU A 290 -9.38 20.92 3.67
C LEU A 290 -8.33 22.01 3.72
N PHE A 291 -7.53 21.99 4.78
CA PHE A 291 -6.42 22.93 4.95
C PHE A 291 -5.27 22.11 5.50
N LEU A 292 -4.24 21.92 4.67
CA LEU A 292 -3.07 21.13 5.07
C LEU A 292 -1.79 21.92 4.83
N LEU A 293 -1.10 22.27 5.91
CA LEU A 293 0.15 23.03 5.81
C LEU A 293 1.35 22.22 5.30
N GLN A 294 1.40 20.95 5.67
CA GLN A 294 2.54 20.10 5.32
C GLN A 294 2.51 19.43 3.95
N ASP A 295 3.62 19.53 3.23
CA ASP A 295 3.71 18.88 1.93
C ASP A 295 3.58 17.37 2.10
N GLU A 296 4.13 16.83 3.18
CA GLU A 296 4.04 15.39 3.43
C GLU A 296 2.59 14.95 3.50
N HIS A 297 1.74 15.78 4.10
CA HIS A 297 0.33 15.46 4.21
C HIS A 297 -0.41 15.61 2.87
N ARG A 298 -0.02 16.63 2.11
CA ARG A 298 -0.65 16.84 0.81
C ARG A 298 -0.34 15.65 -0.09
N ILE A 299 0.89 15.15 -0.02
CA ILE A 299 1.28 14.00 -0.82
C ILE A 299 0.55 12.74 -0.31
N ARG A 300 0.48 12.58 1.01
CA ARG A 300 -0.21 11.43 1.59
C ARG A 300 -1.69 11.43 1.15
N LEU A 301 -2.29 12.61 1.10
CA LEU A 301 -3.68 12.73 0.69
C LEU A 301 -3.87 12.23 -0.74
N VAL A 302 -3.05 12.71 -1.67
N VAL A 302 -3.03 12.71 -1.65
CA VAL A 302 -3.18 12.29 -3.06
CA VAL A 302 -3.09 12.33 -3.06
C VAL A 302 -2.89 10.80 -3.26
C VAL A 302 -2.88 10.83 -3.25
N VAL A 303 -1.90 10.28 -2.56
CA VAL A 303 -1.59 8.86 -2.68
C VAL A 303 -2.81 8.04 -2.27
N ASN A 304 -3.51 8.48 -1.22
CA ASN A 304 -4.69 7.75 -0.80
C ASN A 304 -5.89 7.97 -1.72
N ARG A 305 -6.14 9.21 -2.13
CA ARG A 305 -7.27 9.48 -3.00
C ARG A 305 -7.14 8.77 -4.36
N LEU A 306 -5.95 8.80 -4.93
CA LEU A 306 -5.72 8.15 -6.22
C LEU A 306 -5.42 6.66 -6.06
N GLY A 307 -5.13 6.25 -4.84
CA GLY A 307 -4.80 4.85 -4.60
C GLY A 307 -3.49 4.46 -5.25
N LEU A 308 -2.50 5.35 -5.18
CA LEU A 308 -1.20 5.11 -5.79
C LEU A 308 -0.40 3.95 -5.21
N ASP A 309 -0.83 3.46 -4.05
N ASP A 309 -0.81 3.45 -4.04
CA ASP A 309 -0.16 2.35 -3.39
CA ASP A 309 -0.11 2.32 -3.42
C ASP A 309 -0.85 1.01 -3.69
C ASP A 309 -0.79 0.99 -3.76
N SER A 310 -1.81 1.03 -4.61
CA SER A 310 -2.56 -0.17 -4.96
C SER A 310 -1.75 -1.40 -5.39
N LEU A 311 -0.78 -1.20 -6.28
CA LEU A 311 0.03 -2.31 -6.78
C LEU A 311 1.40 -2.48 -6.13
N ALA A 312 1.89 -1.41 -5.51
CA ALA A 312 3.18 -1.41 -4.84
C ALA A 312 3.26 -0.12 -4.04
N PRO A 313 4.08 -0.10 -2.97
CA PRO A 313 4.18 1.13 -2.18
C PRO A 313 4.68 2.32 -2.99
N PHE A 314 4.11 3.49 -2.72
CA PHE A 314 4.54 4.70 -3.40
C PHE A 314 5.41 5.45 -2.40
N LYS A 315 6.72 5.46 -2.64
CA LYS A 315 7.66 6.12 -1.75
C LYS A 315 8.08 7.46 -2.34
N PRO A 316 7.55 8.55 -1.79
CA PRO A 316 7.85 9.91 -2.26
C PRO A 316 9.32 10.24 -2.53
N LYS A 317 10.20 9.83 -1.62
CA LYS A 317 11.62 10.11 -1.76
C LYS A 317 12.28 9.36 -2.91
N GLU A 318 11.60 8.33 -3.41
CA GLU A 318 12.14 7.54 -4.50
C GLU A 318 11.40 7.77 -5.81
N ARG A 319 10.30 8.51 -5.74
CA ARG A 319 9.48 8.75 -6.93
C ARG A 319 9.36 10.19 -7.39
N ILE A 320 9.59 11.14 -6.49
CA ILE A 320 9.47 12.55 -6.82
C ILE A 320 10.80 13.14 -7.28
N ILE A 321 10.79 13.67 -8.50
CA ILE A 321 11.99 14.26 -9.11
C ILE A 321 12.75 15.22 -8.21
N GLU A 322 12.06 16.22 -7.69
CA GLU A 322 12.67 17.22 -6.82
C GLU A 322 13.28 16.65 -5.54
N TYR A 323 12.82 15.47 -5.13
CA TYR A 323 13.35 14.84 -3.92
C TYR A 323 14.57 14.00 -4.26
N LEU A 324 14.70 13.65 -5.54
CA LEU A 324 15.82 12.85 -6.02
C LEU A 324 16.98 13.70 -6.52
N VAL A 325 16.67 14.86 -7.10
CA VAL A 325 17.70 15.75 -7.61
C VAL A 325 18.56 16.30 -6.47
N SER B 1 -9.45 -32.22 15.13
CA SER B 1 -8.27 -31.44 15.56
C SER B 1 -8.69 -30.08 16.13
N GLN B 2 -8.61 -29.95 17.45
CA GLN B 2 -8.98 -28.70 18.11
C GLN B 2 -7.96 -27.61 17.85
N LEU B 3 -8.45 -26.41 17.59
CA LEU B 3 -7.57 -25.28 17.33
C LEU B 3 -8.07 -24.03 18.04
N VAL B 4 -7.18 -23.39 18.78
CA VAL B 4 -7.50 -22.18 19.52
C VAL B 4 -6.53 -21.10 19.08
N GLU B 5 -6.99 -19.86 19.00
CA GLU B 5 -6.12 -18.76 18.63
C GLU B 5 -5.79 -18.01 19.92
N CYS B 6 -4.52 -17.63 20.08
CA CYS B 6 -4.08 -16.89 21.26
C CYS B 6 -3.43 -15.62 20.71
N VAL B 7 -3.88 -14.47 21.19
CA VAL B 7 -3.38 -13.20 20.67
C VAL B 7 -2.87 -12.26 21.77
N PRO B 8 -1.82 -12.68 22.50
CA PRO B 8 -1.27 -11.85 23.58
C PRO B 8 -0.60 -10.55 23.13
N ASN B 9 -0.80 -9.50 23.92
CA ASN B 9 -0.21 -8.18 23.65
C ASN B 9 0.86 -7.91 24.70
N PHE B 10 2.04 -7.46 24.26
CA PHE B 10 3.13 -7.15 25.18
C PHE B 10 3.52 -5.69 25.05
N SER B 11 3.90 -5.09 26.18
CA SER B 11 4.28 -3.70 26.21
C SER B 11 5.74 -3.46 25.81
N GLU B 12 6.02 -3.71 24.53
CA GLU B 12 7.33 -3.50 23.96
C GLU B 12 7.16 -3.49 22.45
N GLY B 13 7.47 -2.37 21.82
CA GLY B 13 7.34 -2.28 20.38
C GLY B 13 8.52 -1.59 19.73
N LYS B 14 9.59 -1.40 20.49
CA LYS B 14 10.79 -0.73 19.99
C LYS B 14 12.03 -1.62 19.92
N ASN B 15 12.29 -2.36 21.01
CA ASN B 15 13.47 -3.23 21.08
C ASN B 15 13.23 -4.54 20.34
N GLN B 16 13.82 -4.67 19.15
CA GLN B 16 13.66 -5.87 18.34
C GLN B 16 14.19 -7.14 19.01
N GLU B 17 15.25 -7.01 19.81
CA GLU B 17 15.81 -8.18 20.49
C GLU B 17 14.77 -8.78 21.43
N VAL B 18 14.10 -7.92 22.18
CA VAL B 18 13.08 -8.36 23.12
C VAL B 18 11.89 -8.94 22.36
N ILE B 19 11.46 -8.24 21.32
CA ILE B 19 10.35 -8.71 20.50
C ILE B 19 10.64 -10.11 19.95
N ASP B 20 11.84 -10.30 19.41
CA ASP B 20 12.23 -11.58 18.83
C ASP B 20 12.36 -12.69 19.86
N ALA B 21 12.82 -12.35 21.06
CA ALA B 21 12.98 -13.34 22.12
C ALA B 21 11.61 -13.91 22.50
N ILE B 22 10.61 -13.04 22.54
CA ILE B 22 9.27 -13.47 22.86
C ILE B 22 8.72 -14.32 21.71
N SER B 23 9.05 -13.93 20.48
CA SER B 23 8.61 -14.70 19.32
C SER B 23 9.15 -16.12 19.41
N ARG B 24 10.44 -16.25 19.75
CA ARG B 24 11.06 -17.57 19.86
C ARG B 24 10.40 -18.40 20.96
N ALA B 25 10.06 -17.76 22.07
CA ALA B 25 9.43 -18.47 23.18
C ALA B 25 8.15 -19.15 22.70
N VAL B 26 7.38 -18.44 21.88
CA VAL B 26 6.13 -18.97 21.34
C VAL B 26 6.37 -20.05 20.28
N ALA B 27 7.13 -19.68 19.26
CA ALA B 27 7.43 -20.58 18.14
C ALA B 27 8.12 -21.88 18.53
N GLN B 28 8.85 -21.86 19.63
CA GLN B 28 9.57 -23.05 20.07
C GLN B 28 8.78 -23.92 21.05
N THR B 29 7.55 -23.49 21.36
CA THR B 29 6.70 -24.26 22.27
C THR B 29 6.01 -25.36 21.46
N PRO B 30 6.09 -26.61 21.92
CA PRO B 30 5.45 -27.70 21.19
C PRO B 30 3.98 -27.44 20.90
N GLY B 31 3.56 -27.67 19.66
CA GLY B 31 2.16 -27.47 19.29
C GLY B 31 1.74 -26.06 18.94
N CYS B 32 2.63 -25.09 19.07
CA CYS B 32 2.29 -23.71 18.75
C CYS B 32 2.87 -23.27 17.41
N VAL B 33 2.05 -22.59 16.62
CA VAL B 33 2.49 -22.07 15.34
C VAL B 33 2.27 -20.56 15.38
N LEU B 34 3.37 -19.80 15.29
CA LEU B 34 3.31 -18.35 15.32
C LEU B 34 2.95 -17.84 13.92
N LEU B 35 1.82 -17.16 13.82
CA LEU B 35 1.34 -16.67 12.53
C LEU B 35 1.70 -15.22 12.21
N ASP B 36 1.83 -14.39 13.24
CA ASP B 36 2.11 -12.99 13.00
C ASP B 36 2.66 -12.28 14.23
N VAL B 37 3.47 -11.26 13.98
CA VAL B 37 4.06 -10.44 15.05
C VAL B 37 3.89 -9.02 14.51
N ASP B 38 3.12 -8.20 15.20
CA ASP B 38 2.87 -6.83 14.72
C ASP B 38 3.29 -5.85 15.81
N SER B 39 4.41 -5.16 15.58
N SER B 39 4.41 -5.17 15.58
CA SER B 39 4.97 -4.21 16.55
CA SER B 39 4.95 -4.21 16.54
C SER B 39 4.90 -2.76 16.09
C SER B 39 4.91 -2.76 16.09
N GLY B 40 4.68 -1.86 17.06
CA GLY B 40 4.61 -0.44 16.76
C GLY B 40 5.47 0.30 17.77
N PRO B 41 6.36 1.21 17.33
CA PRO B 41 7.22 1.96 18.25
C PRO B 41 6.58 3.10 19.03
N SER B 42 5.69 3.87 18.42
CA SER B 42 5.05 4.98 19.14
C SER B 42 3.94 4.46 20.03
N THR B 43 3.24 3.44 19.55
CA THR B 43 2.19 2.81 20.34
C THR B 43 2.94 2.00 21.42
N ASN B 44 4.16 1.60 21.06
CA ASN B 44 5.09 0.83 21.90
C ASN B 44 4.43 -0.44 22.44
N ARG B 45 3.96 -1.26 21.50
CA ARG B 45 3.24 -2.48 21.84
C ARG B 45 3.41 -3.47 20.69
N THR B 46 3.35 -4.76 21.01
CA THR B 46 3.44 -5.80 19.99
C THR B 46 2.36 -6.84 20.24
N VAL B 47 1.67 -7.24 19.19
CA VAL B 47 0.68 -8.30 19.35
C VAL B 47 1.20 -9.53 18.62
N TYR B 48 1.15 -10.67 19.30
CA TYR B 48 1.58 -11.95 18.72
C TYR B 48 0.32 -12.75 18.49
N THR B 49 0.23 -13.38 17.32
N THR B 49 0.21 -13.39 17.32
CA THR B 49 -0.92 -14.20 16.97
CA THR B 49 -0.95 -14.21 17.05
C THR B 49 -0.45 -15.63 16.66
C THR B 49 -0.47 -15.60 16.68
N PHE B 50 -0.90 -16.59 17.46
CA PHE B 50 -0.52 -17.97 17.21
C PHE B 50 -1.68 -18.92 17.45
N VAL B 51 -1.56 -20.14 16.94
CA VAL B 51 -2.61 -21.12 17.09
C VAL B 51 -2.06 -22.48 17.52
N GLY B 52 -2.97 -23.32 18.01
CA GLY B 52 -2.59 -24.65 18.44
C GLY B 52 -3.70 -25.25 19.29
N ARG B 53 -3.49 -26.47 19.77
CA ARG B 53 -4.50 -27.11 20.61
C ARG B 53 -4.64 -26.28 21.89
N PRO B 54 -5.80 -26.34 22.55
CA PRO B 54 -6.04 -25.58 23.79
C PRO B 54 -4.90 -25.60 24.79
N GLU B 55 -4.48 -26.80 25.20
CA GLU B 55 -3.41 -26.94 26.17
C GLU B 55 -2.07 -26.41 25.67
N ASP B 56 -1.82 -26.54 24.37
CA ASP B 56 -0.56 -26.07 23.81
C ASP B 56 -0.47 -24.54 23.78
N VAL B 57 -1.55 -23.85 23.44
CA VAL B 57 -1.45 -22.39 23.40
C VAL B 57 -1.29 -21.81 24.80
N VAL B 58 -1.81 -22.49 25.81
CA VAL B 58 -1.65 -22.03 27.18
C VAL B 58 -0.16 -22.09 27.52
N GLU B 59 0.50 -23.18 27.14
CA GLU B 59 1.92 -23.34 27.41
C GLU B 59 2.72 -22.30 26.64
N GLY B 60 2.30 -22.02 25.41
CA GLY B 60 2.99 -21.03 24.60
C GLY B 60 2.87 -19.64 25.19
N ALA B 61 1.69 -19.32 25.69
CA ALA B 61 1.45 -18.01 26.29
C ALA B 61 2.31 -17.86 27.56
N LEU B 62 2.44 -18.94 28.31
CA LEU B 62 3.24 -18.89 29.53
C LEU B 62 4.74 -18.74 29.21
N ASN B 63 5.21 -19.45 28.19
CA ASN B 63 6.61 -19.34 27.82
C ASN B 63 6.93 -17.91 27.39
N ALA B 64 5.98 -17.30 26.69
CA ALA B 64 6.14 -15.92 26.22
C ALA B 64 6.18 -15.00 27.43
N ALA B 65 5.28 -15.22 28.38
CA ALA B 65 5.22 -14.40 29.58
C ALA B 65 6.50 -14.51 30.39
N ARG B 66 7.03 -15.73 30.53
CA ARG B 66 8.25 -15.92 31.31
C ARG B 66 9.41 -15.13 30.70
N ALA B 67 9.50 -15.15 29.37
CA ALA B 67 10.56 -14.43 28.69
C ALA B 67 10.37 -12.93 28.89
N ALA B 68 9.12 -12.48 28.77
CA ALA B 68 8.81 -11.06 28.95
C ALA B 68 9.13 -10.57 30.36
N TYR B 69 8.92 -11.41 31.36
CA TYR B 69 9.18 -11.03 32.75
C TYR B 69 10.63 -10.61 32.94
N GLN B 70 11.54 -11.27 32.21
CA GLN B 70 12.95 -10.98 32.30
C GLN B 70 13.40 -9.81 31.43
N LEU B 71 12.66 -9.55 30.36
CA LEU B 71 13.02 -8.52 29.40
C LEU B 71 12.29 -7.19 29.39
N ILE B 72 11.14 -7.12 30.05
CA ILE B 72 10.38 -5.88 30.08
C ILE B 72 10.27 -5.28 31.48
N ASP B 73 10.57 -3.99 31.59
CA ASP B 73 10.49 -3.28 32.86
C ASP B 73 9.43 -2.20 32.71
N MET B 74 8.22 -2.50 33.17
CA MET B 74 7.11 -1.56 33.05
C MET B 74 7.32 -0.21 33.72
N SER B 75 8.24 -0.14 34.69
CA SER B 75 8.49 1.12 35.37
C SER B 75 9.10 2.15 34.41
N ARG B 76 9.54 1.68 33.25
CA ARG B 76 10.15 2.56 32.25
C ARG B 76 9.36 2.61 30.94
N HIS B 77 8.21 1.95 30.91
CA HIS B 77 7.40 1.91 29.70
C HIS B 77 6.39 3.03 29.52
N HIS B 78 6.34 3.56 28.30
CA HIS B 78 5.42 4.62 27.92
C HIS B 78 5.07 4.40 26.44
N GLY B 79 3.83 4.66 26.09
CA GLY B 79 3.41 4.48 24.71
C GLY B 79 2.01 5.02 24.49
N GLU B 80 1.64 5.20 23.23
CA GLU B 80 0.32 5.74 22.91
C GLU B 80 -0.81 4.77 23.26
N HIS B 81 -0.53 3.48 23.20
CA HIS B 81 -1.58 2.52 23.50
C HIS B 81 -1.73 2.30 25.00
N PRO B 82 -2.98 2.25 25.49
CA PRO B 82 -3.17 2.05 26.93
C PRO B 82 -2.63 0.70 27.38
N ARG B 83 -2.14 0.64 28.60
CA ARG B 83 -1.58 -0.62 29.09
C ARG B 83 -1.37 -0.60 30.59
N MET B 84 -1.34 -1.78 31.20
CA MET B 84 -1.08 -1.85 32.62
C MET B 84 -0.17 -3.04 32.96
N GLY B 85 0.22 -3.81 31.96
CA GLY B 85 1.08 -4.95 32.21
C GLY B 85 2.08 -5.27 31.10
N ALA B 86 3.18 -5.93 31.46
CA ALA B 86 4.21 -6.32 30.49
C ALA B 86 3.52 -7.18 29.44
N LEU B 87 2.72 -8.14 29.91
CA LEU B 87 1.89 -8.94 29.02
C LEU B 87 0.58 -8.30 29.46
N ASP B 88 0.07 -7.41 28.62
CA ASP B 88 -1.14 -6.65 28.94
C ASP B 88 -2.44 -7.45 28.87
N VAL B 89 -2.67 -8.15 27.77
CA VAL B 89 -3.89 -8.95 27.64
C VAL B 89 -3.56 -10.23 26.91
N CYS B 90 -4.10 -11.33 27.40
CA CYS B 90 -3.87 -12.64 26.79
C CYS B 90 -5.21 -13.31 26.55
N PRO B 91 -5.74 -13.19 25.32
CA PRO B 91 -7.02 -13.78 24.95
C PRO B 91 -6.92 -15.13 24.24
N PHE B 92 -7.90 -15.99 24.51
CA PHE B 92 -7.97 -17.31 23.89
C PHE B 92 -9.29 -17.33 23.12
N ILE B 93 -9.20 -17.62 21.83
CA ILE B 93 -10.35 -17.61 20.94
C ILE B 93 -10.60 -18.97 20.28
N PRO B 94 -11.85 -19.46 20.30
CA PRO B 94 -12.11 -20.75 19.67
C PRO B 94 -12.05 -20.64 18.14
N VAL B 95 -11.29 -21.53 17.51
CA VAL B 95 -11.17 -21.50 16.05
C VAL B 95 -11.81 -22.72 15.40
N ARG B 96 -11.53 -23.91 15.94
CA ARG B 96 -12.08 -25.13 15.39
C ARG B 96 -12.18 -26.24 16.42
N GLY B 97 -13.34 -26.91 16.45
CA GLY B 97 -13.55 -28.00 17.38
C GLY B 97 -13.40 -27.66 18.85
N VAL B 98 -13.59 -26.40 19.20
CA VAL B 98 -13.45 -25.97 20.59
C VAL B 98 -14.59 -25.03 20.99
N THR B 99 -15.14 -25.24 22.18
CA THR B 99 -16.23 -24.40 22.67
C THR B 99 -15.66 -23.18 23.38
N MET B 100 -16.48 -22.14 23.50
CA MET B 100 -16.05 -20.93 24.19
C MET B 100 -15.77 -21.29 25.65
N ASP B 101 -16.54 -22.24 26.18
N ASP B 101 -16.53 -22.25 26.16
CA ASP B 101 -16.35 -22.66 27.56
CA ASP B 101 -16.36 -22.70 27.54
C ASP B 101 -14.95 -23.21 27.80
C ASP B 101 -14.96 -23.26 27.77
N GLU B 102 -14.44 -24.01 26.87
N GLU B 102 -14.45 -24.01 26.79
CA GLU B 102 -13.10 -24.56 27.04
CA GLU B 102 -13.11 -24.59 26.91
C GLU B 102 -12.06 -23.44 26.99
C GLU B 102 -12.05 -23.50 26.91
N CYS B 103 -12.28 -22.46 26.11
CA CYS B 103 -11.34 -21.34 26.02
C CYS B 103 -11.35 -20.58 27.34
N VAL B 104 -12.51 -20.53 27.99
CA VAL B 104 -12.61 -19.86 29.28
C VAL B 104 -11.73 -20.64 30.27
N ARG B 105 -11.78 -21.96 30.16
N ARG B 105 -11.78 -21.96 30.18
CA ARG B 105 -10.99 -22.83 31.04
CA ARG B 105 -10.98 -22.81 31.05
C ARG B 105 -9.50 -22.57 30.79
C ARG B 105 -9.50 -22.59 30.79
N CYS B 106 -9.15 -22.35 29.53
CA CYS B 106 -7.75 -22.09 29.16
C CYS B 106 -7.31 -20.78 29.80
N ALA B 107 -8.18 -19.78 29.75
CA ALA B 107 -7.88 -18.49 30.34
C ALA B 107 -7.66 -18.63 31.85
N GLN B 108 -8.51 -19.43 32.49
CA GLN B 108 -8.41 -19.65 33.93
C GLN B 108 -7.12 -20.40 34.27
N ALA B 109 -6.80 -21.42 33.47
CA ALA B 109 -5.58 -22.19 33.71
C ALA B 109 -4.36 -21.29 33.53
N PHE B 110 -4.35 -20.53 32.44
CA PHE B 110 -3.25 -19.62 32.15
C PHE B 110 -3.08 -18.58 33.25
N GLY B 111 -4.20 -17.96 33.63
CA GLY B 111 -4.16 -16.92 34.65
C GLY B 111 -3.65 -17.43 35.98
N GLN B 112 -4.14 -18.58 36.41
CA GLN B 112 -3.72 -19.14 37.68
C GLN B 112 -2.23 -19.43 37.71
N ARG B 113 -1.74 -20.07 36.64
N ARG B 113 -1.73 -20.08 36.66
CA ARG B 113 -0.33 -20.42 36.55
CA ARG B 113 -0.32 -20.41 36.59
C ARG B 113 0.58 -19.21 36.42
C ARG B 113 0.58 -19.19 36.46
N LEU B 114 0.13 -18.20 35.69
CA LEU B 114 0.93 -16.98 35.52
C LEU B 114 1.08 -16.28 36.86
N ALA B 115 -0.04 -16.16 37.59
CA ALA B 115 -0.03 -15.50 38.89
C ALA B 115 0.84 -16.23 39.90
N GLU B 116 0.74 -17.56 39.91
CA GLU B 116 1.51 -18.38 40.84
C GLU B 116 3.01 -18.27 40.59
N GLU B 117 3.42 -18.41 39.34
CA GLU B 117 4.83 -18.35 38.99
C GLU B 117 5.50 -16.99 39.16
N LEU B 118 4.85 -15.93 38.68
CA LEU B 118 5.44 -14.60 38.78
C LEU B 118 5.02 -13.78 39.98
N GLY B 119 3.96 -14.21 40.67
CA GLY B 119 3.49 -13.48 41.82
C GLY B 119 2.93 -12.13 41.43
N VAL B 120 2.17 -12.11 40.34
CA VAL B 120 1.57 -10.88 39.84
C VAL B 120 0.05 -10.97 39.80
N PRO B 121 -0.63 -9.81 39.85
CA PRO B 121 -2.09 -9.82 39.81
C PRO B 121 -2.63 -10.09 38.39
N VAL B 122 -3.62 -10.98 38.30
CA VAL B 122 -4.23 -11.32 37.03
C VAL B 122 -5.74 -11.16 37.08
N TYR B 123 -6.30 -10.52 36.06
CA TYR B 123 -7.73 -10.29 35.98
C TYR B 123 -8.32 -11.07 34.80
N LEU B 124 -9.55 -11.57 34.97
CA LEU B 124 -10.22 -12.32 33.91
C LEU B 124 -11.24 -11.41 33.23
N TYR B 125 -11.24 -11.39 31.90
CA TYR B 125 -12.17 -10.54 31.16
C TYR B 125 -12.90 -11.30 30.08
N GLY B 126 -13.76 -10.59 29.35
CA GLY B 126 -14.52 -11.21 28.27
C GLY B 126 -15.46 -12.30 28.78
N GLU B 127 -15.50 -13.42 28.06
CA GLU B 127 -16.37 -14.52 28.44
C GLU B 127 -15.92 -15.20 29.73
N ALA B 128 -14.68 -14.92 30.14
CA ALA B 128 -14.14 -15.51 31.37
C ALA B 128 -14.34 -14.60 32.59
N ALA B 129 -14.92 -13.43 32.39
CA ALA B 129 -15.13 -12.49 33.48
C ALA B 129 -16.05 -13.07 34.54
N ARG B 130 -15.70 -12.86 35.81
CA ARG B 130 -16.49 -13.36 36.94
C ARG B 130 -17.61 -12.39 37.28
N THR B 131 -17.43 -11.12 36.92
CA THR B 131 -18.42 -10.08 37.17
C THR B 131 -18.56 -9.22 35.91
N ALA B 132 -19.71 -8.60 35.73
CA ALA B 132 -19.94 -7.77 34.55
C ALA B 132 -18.94 -6.63 34.42
N GLY B 133 -18.50 -6.10 35.55
CA GLY B 133 -17.54 -5.01 35.54
C GLY B 133 -16.16 -5.37 35.00
N ARG B 134 -15.87 -6.66 34.91
CA ARG B 134 -14.56 -7.08 34.42
C ARG B 134 -14.61 -7.65 33.01
N GLN B 135 -15.78 -7.55 32.39
CA GLN B 135 -15.96 -8.06 31.03
C GLN B 135 -15.15 -7.23 30.04
N SER B 136 -15.17 -5.91 30.25
CA SER B 136 -14.47 -4.96 29.39
C SER B 136 -13.01 -4.72 29.74
N LEU B 137 -12.13 -4.89 28.75
CA LEU B 137 -10.70 -4.68 28.97
C LEU B 137 -10.43 -3.21 29.31
N PRO B 138 -11.05 -2.27 28.57
CA PRO B 138 -10.82 -0.85 28.87
C PRO B 138 -11.22 -0.52 30.31
N ALA B 139 -12.28 -1.15 30.80
CA ALA B 139 -12.72 -0.91 32.18
C ALA B 139 -11.65 -1.36 33.17
N LEU B 140 -11.11 -2.55 32.94
CA LEU B 140 -10.08 -3.11 33.80
C LEU B 140 -8.80 -2.27 33.73
N ARG B 141 -8.53 -1.77 32.53
CA ARG B 141 -7.33 -0.99 32.23
C ARG B 141 -7.40 0.50 32.58
N ALA B 142 -8.59 0.97 32.98
CA ALA B 142 -8.77 2.38 33.34
C ALA B 142 -7.74 2.87 34.35
N GLY B 143 -7.01 3.93 33.99
CA GLY B 143 -6.00 4.46 34.89
C GLY B 143 -4.63 3.91 34.53
N GLU B 144 -4.65 2.78 33.81
CA GLU B 144 -3.43 2.12 33.35
C GLU B 144 -2.45 1.71 34.43
N TYR B 145 -1.21 1.45 34.02
CA TYR B 145 -0.14 1.03 34.92
C TYR B 145 0.00 1.98 36.11
N GLU B 146 -0.06 3.27 35.81
CA GLU B 146 0.08 4.29 36.85
C GLU B 146 -0.94 4.25 37.98
N ALA B 147 -2.11 3.68 37.72
CA ALA B 147 -3.16 3.60 38.73
C ALA B 147 -3.15 2.32 39.55
N LEU B 148 -2.32 1.35 39.16
CA LEU B 148 -2.27 0.08 39.88
C LEU B 148 -1.99 0.14 41.38
N PRO B 149 -0.97 0.91 41.80
CA PRO B 149 -0.68 0.98 43.23
C PRO B 149 -1.90 1.31 44.07
N GLU B 150 -2.69 2.28 43.61
CA GLU B 150 -3.89 2.67 44.34
C GLU B 150 -5.02 1.66 44.20
N LYS B 151 -5.20 1.12 43.00
CA LYS B 151 -6.26 0.15 42.76
C LYS B 151 -6.07 -1.14 43.55
N LEU B 152 -4.82 -1.59 43.65
CA LEU B 152 -4.52 -2.84 44.36
C LEU B 152 -4.74 -2.78 45.86
N LYS B 153 -5.03 -1.59 46.39
CA LYS B 153 -5.29 -1.44 47.81
C LYS B 153 -6.79 -1.45 48.08
N GLN B 154 -7.58 -1.71 47.03
CA GLN B 154 -9.03 -1.72 47.15
C GLN B 154 -9.60 -3.12 46.90
N ALA B 155 -10.51 -3.53 47.77
CA ALA B 155 -11.13 -4.84 47.66
C ALA B 155 -11.79 -5.10 46.31
N GLU B 156 -12.45 -4.08 45.76
CA GLU B 156 -13.12 -4.25 44.48
C GLU B 156 -12.16 -4.61 43.37
N TRP B 157 -10.88 -4.26 43.54
CA TRP B 157 -9.88 -4.57 42.53
C TRP B 157 -9.05 -5.79 42.84
N ALA B 158 -9.48 -6.57 43.82
CA ALA B 158 -8.78 -7.80 44.19
C ALA B 158 -8.69 -8.63 42.91
N PRO B 159 -7.47 -9.03 42.52
CA PRO B 159 -7.32 -9.83 41.29
C PRO B 159 -7.96 -11.21 41.35
N ASP B 160 -8.32 -11.73 40.18
CA ASP B 160 -8.91 -13.05 40.10
C ASP B 160 -7.90 -14.11 40.51
N PHE B 161 -6.63 -13.86 40.19
CA PHE B 161 -5.54 -14.75 40.56
C PHE B 161 -4.36 -13.90 41.01
N GLY B 162 -3.53 -14.47 41.89
CA GLY B 162 -2.37 -13.75 42.35
C GLY B 162 -2.57 -12.81 43.51
N PRO B 163 -1.48 -12.29 44.07
CA PRO B 163 -1.53 -11.36 45.21
C PRO B 163 -1.89 -9.94 44.77
N SER B 164 -2.48 -9.18 45.68
N SER B 164 -2.48 -9.18 45.68
CA SER B 164 -2.87 -7.81 45.39
CA SER B 164 -2.87 -7.81 45.39
C SER B 164 -1.64 -6.93 45.62
C SER B 164 -1.64 -6.93 45.62
N ALA B 165 -0.53 -7.33 45.01
CA ALA B 165 0.73 -6.60 45.15
C ALA B 165 1.13 -5.89 43.88
N PHE B 166 1.80 -4.74 44.05
CA PHE B 166 2.27 -3.96 42.91
C PHE B 166 3.68 -4.41 42.62
N VAL B 167 3.87 -5.00 41.44
CA VAL B 167 5.16 -5.48 40.99
C VAL B 167 5.57 -4.52 39.89
N PRO B 168 6.44 -3.55 40.21
CA PRO B 168 6.95 -2.51 39.30
C PRO B 168 7.35 -2.93 37.89
N SER B 169 8.10 -4.01 37.76
CA SER B 169 8.55 -4.43 36.44
C SER B 169 7.45 -5.05 35.58
N TRP B 170 6.37 -5.51 36.20
CA TRP B 170 5.32 -6.19 35.46
C TRP B 170 3.94 -5.53 35.38
N GLY B 171 3.47 -5.01 36.50
CA GLY B 171 2.15 -4.41 36.50
C GLY B 171 1.10 -5.49 36.70
N ALA B 172 0.07 -5.49 35.87
CA ALA B 172 -1.00 -6.48 35.98
C ALA B 172 -1.36 -7.04 34.60
N THR B 173 -1.79 -8.30 34.57
CA THR B 173 -2.16 -8.95 33.32
C THR B 173 -3.66 -9.28 33.28
N VAL B 174 -4.24 -9.15 32.09
CA VAL B 174 -5.65 -9.48 31.89
C VAL B 174 -5.67 -10.71 30.99
N ALA B 175 -6.43 -11.72 31.39
CA ALA B 175 -6.53 -12.93 30.59
C ALA B 175 -8.01 -13.24 30.38
N GLY B 176 -8.33 -13.84 29.24
CA GLY B 176 -9.73 -14.15 29.01
C GLY B 176 -10.00 -14.91 27.72
N ALA B 177 -11.29 -15.03 27.41
CA ALA B 177 -11.73 -15.71 26.21
C ALA B 177 -12.72 -14.79 25.50
N ARG B 178 -12.71 -14.85 24.18
CA ARG B 178 -13.60 -14.01 23.39
C ARG B 178 -13.65 -14.50 21.95
N LYS B 179 -14.59 -13.96 21.19
N LYS B 179 -14.59 -13.94 21.19
CA LYS B 179 -14.70 -14.33 19.78
CA LYS B 179 -14.73 -14.28 19.78
C LYS B 179 -13.66 -13.47 19.05
C LYS B 179 -13.68 -13.45 19.05
N PHE B 180 -13.52 -13.69 17.75
CA PHE B 180 -12.56 -12.93 16.96
C PHE B 180 -12.77 -11.44 17.16
N LEU B 181 -11.67 -10.71 17.29
CA LEU B 181 -11.70 -9.26 17.47
C LEU B 181 -10.83 -8.64 16.39
N LEU B 182 -11.28 -7.53 15.82
CA LEU B 182 -10.52 -6.85 14.78
C LEU B 182 -9.95 -5.54 15.34
N ALA B 183 -8.62 -5.41 15.32
CA ALA B 183 -7.96 -4.19 15.78
C ALA B 183 -7.77 -3.38 14.49
N PHE B 184 -8.54 -2.31 14.37
CA PHE B 184 -8.59 -1.49 13.15
C PHE B 184 -8.40 -0.01 13.42
N ASN B 185 -7.34 0.59 12.85
CA ASN B 185 -7.09 2.02 13.04
C ASN B 185 -7.40 2.78 11.77
N ILE B 186 -8.06 3.94 11.91
CA ILE B 186 -8.39 4.77 10.76
C ILE B 186 -7.49 6.00 10.80
N ASN B 187 -6.79 6.27 9.71
CA ASN B 187 -5.87 7.41 9.64
C ASN B 187 -6.57 8.71 9.30
N LEU B 188 -6.21 9.78 10.01
CA LEU B 188 -6.78 11.07 9.69
C LEU B 188 -5.75 12.17 9.93
N LEU B 189 -5.82 13.20 9.10
CA LEU B 189 -4.91 14.32 9.23
C LEU B 189 -5.62 15.31 10.15
N SER B 190 -5.39 15.16 11.44
CA SER B 190 -6.01 15.99 12.46
C SER B 190 -5.15 15.99 13.71
N THR B 191 -5.67 16.59 14.77
CA THR B 191 -4.97 16.62 16.04
C THR B 191 -5.43 15.38 16.79
N ARG B 192 -4.70 14.97 17.82
CA ARG B 192 -5.10 13.81 18.59
C ARG B 192 -6.43 14.10 19.28
N GLU B 193 -6.65 15.37 19.63
CA GLU B 193 -7.88 15.78 20.30
C GLU B 193 -9.09 15.56 19.39
N GLN B 194 -8.94 15.89 18.10
CA GLN B 194 -10.04 15.72 17.16
C GLN B 194 -10.30 14.23 16.90
N ALA B 195 -9.24 13.44 16.83
CA ALA B 195 -9.40 12.00 16.62
C ALA B 195 -10.10 11.38 17.81
N HIS B 196 -9.73 11.83 19.02
CA HIS B 196 -10.34 11.27 20.22
C HIS B 196 -11.81 11.67 20.31
N ARG B 197 -12.15 12.88 19.85
CA ARG B 197 -13.54 13.32 19.89
C ARG B 197 -14.40 12.38 19.04
N ILE B 198 -13.88 12.00 17.88
CA ILE B 198 -14.58 11.10 16.98
C ILE B 198 -14.70 9.72 17.64
N ALA B 199 -13.61 9.28 18.27
CA ALA B 199 -13.60 7.98 18.94
C ALA B 199 -14.69 7.91 20.00
N LEU B 200 -14.81 8.95 20.80
CA LEU B 200 -15.81 9.00 21.86
C LEU B 200 -17.23 9.03 21.31
N ASP B 201 -17.42 9.68 20.16
CA ASP B 201 -18.76 9.75 19.57
C ASP B 201 -19.20 8.41 19.01
N LEU B 202 -18.24 7.64 18.50
CA LEU B 202 -18.56 6.35 17.88
C LEU B 202 -18.54 5.11 18.76
N ARG B 203 -17.63 5.05 19.73
CA ARG B 203 -17.56 3.85 20.57
C ARG B 203 -18.83 3.64 21.38
N GLU B 204 -19.24 2.39 21.53
CA GLU B 204 -20.46 2.06 22.27
C GLU B 204 -20.56 2.73 23.65
N GLN B 205 -19.49 2.65 24.43
CA GLN B 205 -19.51 3.23 25.77
C GLN B 205 -19.57 4.75 25.76
N GLY B 206 -19.28 5.35 24.62
CA GLY B 206 -19.31 6.80 24.50
C GLY B 206 -18.49 7.52 25.55
N ARG B 207 -19.11 8.50 26.20
CA ARG B 207 -18.43 9.27 27.24
C ARG B 207 -18.91 8.89 28.63
N GLY B 208 -19.76 7.87 28.70
CA GLY B 208 -20.27 7.42 29.98
C GLY B 208 -21.65 6.79 29.84
N LYS B 209 -22.14 6.18 30.91
CA LYS B 209 -23.45 5.53 30.90
C LYS B 209 -24.55 6.45 30.39
N ASP B 210 -24.48 7.73 30.75
CA ASP B 210 -25.49 8.69 30.33
C ASP B 210 -25.18 9.31 28.96
N GLN B 211 -24.10 8.85 28.34
CA GLN B 211 -23.71 9.37 27.03
C GLN B 211 -23.18 8.28 26.11
N PRO B 212 -24.02 7.29 25.77
CA PRO B 212 -23.65 6.18 24.89
C PRO B 212 -23.16 6.65 23.52
N GLY B 213 -22.37 5.81 22.87
CA GLY B 213 -21.85 6.13 21.55
C GLY B 213 -22.76 5.62 20.45
N ARG B 214 -22.35 5.83 19.20
CA ARG B 214 -23.16 5.42 18.05
C ARG B 214 -23.08 3.95 17.61
N LEU B 215 -21.90 3.35 17.74
CA LEU B 215 -21.71 1.98 17.29
C LEU B 215 -21.61 0.89 18.35
N LYS B 216 -22.50 -0.11 18.24
CA LYS B 216 -22.47 -1.22 19.19
C LYS B 216 -21.27 -2.10 18.91
N LYS B 217 -20.74 -2.70 19.98
CA LYS B 217 -19.59 -3.59 19.89
C LYS B 217 -18.34 -2.96 19.30
N VAL B 218 -18.16 -1.67 19.57
CA VAL B 218 -16.97 -0.97 19.10
C VAL B 218 -16.33 -0.21 20.26
N GLN B 219 -15.02 -0.35 20.38
CA GLN B 219 -14.22 0.34 21.39
C GLN B 219 -13.31 1.25 20.57
N ALA B 220 -12.97 2.43 21.11
CA ALA B 220 -12.11 3.34 20.36
C ALA B 220 -11.51 4.47 21.18
N ILE B 221 -10.35 4.93 20.73
CA ILE B 221 -9.65 6.06 21.35
C ILE B 221 -8.94 6.77 20.21
N GLY B 222 -8.49 7.99 20.46
CA GLY B 222 -7.79 8.73 19.44
C GLY B 222 -6.38 9.03 19.89
N TRP B 223 -5.44 9.02 18.96
CA TRP B 223 -4.05 9.32 19.29
C TRP B 223 -3.32 9.91 18.08
N TYR B 224 -2.04 10.21 18.28
CA TYR B 224 -1.18 10.72 17.23
C TYR B 224 0.10 9.88 17.33
N LEU B 225 0.65 9.48 16.18
CA LEU B 225 1.86 8.67 16.16
C LEU B 225 3.05 9.43 15.61
N ASP B 226 4.06 9.66 16.45
CA ASP B 226 5.27 10.36 16.02
C ASP B 226 5.89 9.60 14.85
N GLU B 227 5.82 8.29 14.90
CA GLU B 227 6.39 7.44 13.85
C GLU B 227 5.87 7.73 12.45
N LYS B 228 4.57 7.95 12.33
CA LYS B 228 3.94 8.16 11.03
C LYS B 228 3.51 9.61 10.76
N ASN B 229 3.60 10.45 11.79
CA ASN B 229 3.20 11.83 11.68
C ASN B 229 1.76 11.98 11.21
N LEU B 230 0.84 11.34 11.93
CA LEU B 230 -0.57 11.43 11.63
C LEU B 230 -1.37 10.94 12.82
N ALA B 231 -2.64 11.30 12.85
CA ALA B 231 -3.51 10.87 13.94
C ALA B 231 -4.30 9.65 13.48
N GLN B 232 -4.84 8.91 14.44
CA GLN B 232 -5.66 7.77 14.11
C GLN B 232 -6.80 7.64 15.10
N VAL B 233 -7.92 7.11 14.60
CA VAL B 233 -9.04 6.80 15.45
C VAL B 233 -8.75 5.30 15.57
N SER B 234 -8.30 4.87 16.74
CA SER B 234 -7.96 3.46 16.95
C SER B 234 -9.20 2.74 17.48
N THR B 235 -9.61 1.68 16.80
CA THR B 235 -10.79 0.94 17.21
C THR B 235 -10.60 -0.55 17.36
N ASN B 236 -11.51 -1.15 18.12
CA ASN B 236 -11.57 -2.59 18.33
C ASN B 236 -12.98 -2.96 17.92
N LEU B 237 -13.12 -3.89 16.97
CA LEU B 237 -14.44 -4.35 16.58
C LEU B 237 -14.61 -5.66 17.35
N LEU B 238 -15.44 -5.63 18.40
CA LEU B 238 -15.65 -6.81 19.23
C LEU B 238 -16.48 -7.92 18.59
N ASP B 239 -17.29 -7.56 17.60
CA ASP B 239 -18.14 -8.54 16.93
C ASP B 239 -18.44 -7.99 15.55
N PHE B 240 -17.56 -8.25 14.58
CA PHE B 240 -17.73 -7.71 13.24
C PHE B 240 -19.06 -8.11 12.58
N GLU B 241 -19.67 -9.17 13.06
CA GLU B 241 -20.96 -9.60 12.51
C GLU B 241 -22.04 -8.60 12.91
N VAL B 242 -21.83 -7.91 14.03
CA VAL B 242 -22.78 -6.90 14.50
C VAL B 242 -22.44 -5.56 13.87
N THR B 243 -21.18 -5.16 13.98
CA THR B 243 -20.69 -3.90 13.41
C THR B 243 -19.39 -4.21 12.70
N GLY B 244 -19.41 -4.12 11.37
CA GLY B 244 -18.23 -4.44 10.58
C GLY B 244 -17.27 -3.32 10.23
N LEU B 245 -16.20 -3.69 9.52
CA LEU B 245 -15.16 -2.76 9.10
C LEU B 245 -15.70 -1.59 8.28
N HIS B 246 -16.55 -1.91 7.31
CA HIS B 246 -17.13 -0.89 6.46
C HIS B 246 -17.90 0.14 7.28
N THR B 247 -18.68 -0.33 8.25
CA THR B 247 -19.47 0.57 9.08
C THR B 247 -18.59 1.50 9.92
N VAL B 248 -17.58 0.93 10.57
CA VAL B 248 -16.69 1.74 11.39
C VAL B 248 -15.95 2.75 10.52
N PHE B 249 -15.46 2.30 9.37
CA PHE B 249 -14.73 3.18 8.47
C PHE B 249 -15.59 4.32 7.93
N GLU B 250 -16.76 3.96 7.40
CA GLU B 250 -17.68 4.95 6.84
C GLU B 250 -18.14 5.97 7.87
N GLU B 251 -18.44 5.51 9.08
CA GLU B 251 -18.90 6.41 10.12
C GLU B 251 -17.79 7.35 10.58
N THR B 252 -16.56 6.83 10.63
CA THR B 252 -15.43 7.68 11.02
C THR B 252 -15.24 8.73 9.93
N CYS B 253 -15.35 8.31 8.68
N CYS B 253 -15.35 8.31 8.68
CA CYS B 253 -15.19 9.22 7.56
CA CYS B 253 -15.21 9.23 7.55
C CYS B 253 -16.23 10.35 7.63
C CYS B 253 -16.22 10.36 7.66
N ARG B 254 -17.47 9.99 7.92
CA ARG B 254 -18.55 10.96 8.03
C ARG B 254 -18.27 12.00 9.11
N GLU B 255 -17.88 11.53 10.28
CA GLU B 255 -17.60 12.42 11.41
C GLU B 255 -16.41 13.33 11.08
N ALA B 256 -15.41 12.78 10.42
CA ALA B 256 -14.24 13.55 10.05
C ALA B 256 -14.63 14.61 9.04
N GLN B 257 -15.47 14.23 8.08
CA GLN B 257 -15.93 15.15 7.05
C GLN B 257 -16.68 16.35 7.64
N GLU B 258 -17.49 16.09 8.66
CA GLU B 258 -18.25 17.17 9.29
C GLU B 258 -17.31 18.23 9.88
N LEU B 259 -16.09 17.81 10.22
CA LEU B 259 -15.10 18.72 10.80
C LEU B 259 -14.05 19.15 9.77
N SER B 260 -14.27 18.81 8.51
CA SER B 260 -13.34 19.15 7.45
C SER B 260 -11.96 18.55 7.69
N LEU B 261 -11.96 17.30 8.17
CA LEU B 261 -10.73 16.57 8.44
C LEU B 261 -10.71 15.42 7.44
N PRO B 262 -9.57 15.18 6.79
CA PRO B 262 -9.54 14.09 5.82
C PRO B 262 -9.08 12.75 6.38
N VAL B 263 -9.78 11.68 5.99
CA VAL B 263 -9.39 10.34 6.40
C VAL B 263 -8.46 9.92 5.28
N VAL B 264 -7.36 9.27 5.63
CA VAL B 264 -6.40 8.82 4.61
C VAL B 264 -6.05 7.36 4.80
N GLY B 265 -7.04 6.50 4.60
CA GLY B 265 -6.80 5.06 4.70
C GLY B 265 -6.90 4.52 6.10
N SER B 266 -6.49 3.26 6.26
CA SER B 266 -6.58 2.60 7.54
C SER B 266 -5.46 1.60 7.74
N GLN B 267 -5.49 0.94 8.89
CA GLN B 267 -4.49 -0.03 9.23
C GLN B 267 -5.05 -1.14 10.09
N LEU B 268 -4.90 -2.37 9.61
N LEU B 268 -4.93 -2.38 9.63
CA LEU B 268 -5.35 -3.53 10.36
CA LEU B 268 -5.40 -3.51 10.41
C LEU B 268 -4.18 -3.92 11.25
C LEU B 268 -4.20 -3.94 11.24
N VAL B 269 -4.45 -4.23 12.51
CA VAL B 269 -3.41 -4.64 13.44
C VAL B 269 -3.58 -6.14 13.60
N GLY B 270 -2.54 -6.90 13.28
CA GLY B 270 -2.65 -8.33 13.40
C GLY B 270 -3.43 -8.95 12.24
N LEU B 271 -4.13 -10.04 12.52
CA LEU B 271 -4.89 -10.77 11.51
C LEU B 271 -6.38 -10.46 11.45
N VAL B 272 -7.03 -10.93 10.39
N VAL B 272 -7.02 -10.93 10.40
CA VAL B 272 -8.45 -10.71 10.19
CA VAL B 272 -8.46 -10.71 10.19
C VAL B 272 -9.11 -11.94 9.56
C VAL B 272 -9.11 -11.94 9.56
N PRO B 273 -10.35 -12.27 9.97
CA PRO B 273 -11.06 -13.43 9.41
C PRO B 273 -11.52 -13.03 8.01
N LEU B 274 -11.48 -13.96 7.06
CA LEU B 274 -11.89 -13.68 5.70
C LEU B 274 -13.28 -13.04 5.63
N LYS B 275 -14.22 -13.58 6.40
CA LYS B 275 -15.58 -13.06 6.36
C LYS B 275 -15.70 -11.57 6.67
N ALA B 276 -14.82 -11.04 7.52
CA ALA B 276 -14.87 -9.62 7.85
C ALA B 276 -14.61 -8.78 6.60
N LEU B 277 -13.71 -9.24 5.75
CA LEU B 277 -13.40 -8.52 4.53
C LEU B 277 -14.50 -8.71 3.49
N LEU B 278 -15.04 -9.92 3.40
CA LEU B 278 -16.09 -10.19 2.44
C LEU B 278 -17.37 -9.45 2.80
N ASP B 279 -17.62 -9.26 4.10
CA ASP B 279 -18.80 -8.53 4.54
C ASP B 279 -18.68 -7.10 4.06
N ALA B 280 -17.48 -6.54 4.18
CA ALA B 280 -17.21 -5.18 3.75
C ALA B 280 -17.33 -5.07 2.24
N ALA B 281 -16.86 -6.08 1.52
CA ALA B 281 -16.95 -6.07 0.05
C ALA B 281 -18.41 -6.01 -0.35
N ALA B 282 -19.24 -6.82 0.30
CA ALA B 282 -20.66 -6.86 0.00
C ALA B 282 -21.28 -5.47 0.15
N PHE B 283 -20.86 -4.77 1.19
CA PHE B 283 -21.36 -3.42 1.46
C PHE B 283 -21.05 -2.46 0.31
N TYR B 284 -19.79 -2.43 -0.11
CA TYR B 284 -19.40 -1.53 -1.19
C TYR B 284 -19.99 -1.94 -2.54
N CYS B 285 -20.17 -3.23 -2.75
CA CYS B 285 -20.76 -3.70 -4.00
C CYS B 285 -22.20 -3.24 -4.09
N GLU B 286 -22.90 -3.26 -2.95
CA GLU B 286 -24.30 -2.85 -2.92
C GLU B 286 -24.40 -1.34 -3.10
N LYS B 287 -23.54 -0.61 -2.39
CA LYS B 287 -23.53 0.84 -2.45
C LYS B 287 -23.17 1.35 -3.83
N GLU B 288 -22.28 0.63 -4.52
CA GLU B 288 -21.83 1.02 -5.85
C GLU B 288 -22.43 0.19 -6.99
N ASN B 289 -23.40 -0.67 -6.67
CA ASN B 289 -24.05 -1.51 -7.67
C ASN B 289 -23.04 -2.29 -8.49
N LEU B 290 -22.13 -2.97 -7.80
CA LEU B 290 -21.08 -3.75 -8.46
C LEU B 290 -21.45 -5.23 -8.52
N PHE B 291 -20.77 -5.96 -9.40
CA PHE B 291 -21.01 -7.38 -9.55
C PHE B 291 -19.67 -8.11 -9.64
N LEU B 292 -19.26 -8.73 -8.54
CA LEU B 292 -18.00 -9.46 -8.49
C LEU B 292 -18.24 -10.90 -8.00
N LEU B 293 -17.54 -11.86 -8.59
CA LEU B 293 -17.70 -13.25 -8.19
C LEU B 293 -16.43 -13.83 -7.57
N GLN B 294 -15.29 -13.21 -7.86
CA GLN B 294 -14.01 -13.67 -7.32
C GLN B 294 -13.65 -13.04 -5.99
N ASP B 295 -13.28 -13.87 -5.02
CA ASP B 295 -12.89 -13.37 -3.70
C ASP B 295 -11.68 -12.46 -3.79
N GLU B 296 -10.76 -12.76 -4.71
CA GLU B 296 -9.58 -11.93 -4.84
C GLU B 296 -9.97 -10.52 -5.25
N HIS B 297 -11.01 -10.40 -6.06
CA HIS B 297 -11.48 -9.09 -6.48
C HIS B 297 -12.22 -8.40 -5.33
N ARG B 298 -12.98 -9.19 -4.57
CA ARG B 298 -13.72 -8.64 -3.44
C ARG B 298 -12.71 -8.06 -2.44
N ILE B 299 -11.62 -8.79 -2.22
N ILE B 299 -11.62 -8.79 -2.22
CA ILE B 299 -10.59 -8.34 -1.29
CA ILE B 299 -10.58 -8.34 -1.30
C ILE B 299 -9.87 -7.11 -1.85
C ILE B 299 -9.87 -7.11 -1.85
N ARG B 300 -9.54 -7.13 -3.13
CA ARG B 300 -8.86 -5.98 -3.75
C ARG B 300 -9.71 -4.73 -3.58
N LEU B 301 -11.03 -4.88 -3.79
CA LEU B 301 -11.97 -3.77 -3.66
C LEU B 301 -11.95 -3.19 -2.24
N VAL B 302 -12.11 -4.05 -1.25
N VAL B 302 -12.11 -4.04 -1.24
CA VAL B 302 -12.11 -3.62 0.15
CA VAL B 302 -12.13 -3.58 0.15
C VAL B 302 -10.80 -2.97 0.55
C VAL B 302 -10.79 -2.96 0.57
N VAL B 303 -9.69 -3.56 0.13
CA VAL B 303 -8.38 -3.03 0.46
C VAL B 303 -8.27 -1.60 -0.06
N ASN B 304 -8.82 -1.34 -1.24
CA ASN B 304 -8.74 0.00 -1.79
C ASN B 304 -9.72 0.96 -1.11
N ARG B 305 -10.95 0.52 -0.90
CA ARG B 305 -11.94 1.38 -0.26
C ARG B 305 -11.56 1.78 1.17
N LEU B 306 -11.06 0.82 1.95
CA LEU B 306 -10.65 1.12 3.33
C LEU B 306 -9.23 1.69 3.38
N GLY B 307 -8.51 1.54 2.27
CA GLY B 307 -7.14 2.05 2.22
C GLY B 307 -6.23 1.28 3.16
N LEU B 308 -6.37 -0.04 3.17
CA LEU B 308 -5.58 -0.91 4.04
C LEU B 308 -4.09 -0.96 3.71
N ASP B 309 -3.72 -0.43 2.54
N ASP B 309 -3.74 -0.43 2.55
CA ASP B 309 -2.32 -0.40 2.12
CA ASP B 309 -2.35 -0.41 2.12
C ASP B 309 -1.64 0.91 2.52
C ASP B 309 -1.70 0.95 2.38
N SER B 310 -2.41 1.81 3.12
CA SER B 310 -1.90 3.14 3.46
C SER B 310 -0.54 3.24 4.16
N LEU B 311 -0.33 2.45 5.21
CA LEU B 311 0.92 2.51 5.95
C LEU B 311 1.92 1.43 5.57
N ALA B 312 1.44 0.37 4.92
CA ALA B 312 2.28 -0.73 4.50
C ALA B 312 1.45 -1.64 3.60
N PRO B 313 2.10 -2.42 2.73
CA PRO B 313 1.35 -3.31 1.83
C PRO B 313 0.49 -4.29 2.61
N PHE B 314 -0.74 -4.49 2.14
CA PHE B 314 -1.64 -5.43 2.77
C PHE B 314 -1.61 -6.70 1.94
N LYS B 315 -0.97 -7.74 2.45
CA LYS B 315 -0.86 -9.00 1.74
C LYS B 315 -1.87 -10.00 2.30
N PRO B 316 -2.95 -10.26 1.54
CA PRO B 316 -4.03 -11.18 1.93
C PRO B 316 -3.55 -12.54 2.44
N LYS B 317 -2.57 -13.12 1.77
CA LYS B 317 -2.06 -14.43 2.18
C LYS B 317 -1.35 -14.41 3.52
N GLU B 318 -0.93 -13.23 3.98
CA GLU B 318 -0.22 -13.12 5.25
C GLU B 318 -1.08 -12.47 6.34
N ARG B 319 -2.24 -11.95 5.98
CA ARG B 319 -3.09 -11.27 6.95
C ARG B 319 -4.44 -11.92 7.24
N ILE B 320 -4.91 -12.73 6.31
CA ILE B 320 -6.20 -13.40 6.48
C ILE B 320 -5.93 -14.75 7.14
N ILE B 321 -6.52 -14.98 8.31
CA ILE B 321 -6.27 -16.21 9.03
C ILE B 321 -6.58 -17.50 8.27
N GLU B 322 -7.66 -17.51 7.50
CA GLU B 322 -8.01 -18.71 6.74
C GLU B 322 -6.99 -19.00 5.64
N TYR B 323 -6.28 -17.97 5.20
CA TYR B 323 -5.27 -18.15 4.17
C TYR B 323 -3.96 -18.62 4.78
N LEU B 324 -3.80 -18.36 6.08
CA LEU B 324 -2.59 -18.75 6.81
C LEU B 324 -2.75 -20.14 7.42
N VAL B 325 -3.99 -20.52 7.67
CA VAL B 325 -4.30 -21.82 8.26
C VAL B 325 -5.35 -22.52 7.41
N1 FON C . 5.10 -3.37 -12.81
C2 FON C . 4.37 -4.48 -13.05
NA2 FON C . 4.68 -5.64 -12.21
N3 FON C . 3.47 -4.77 -13.84
C4 FON C . 3.21 -3.77 -14.79
O4 FON C . 2.48 -3.97 -15.95
C4A FON C . 3.74 -2.48 -14.57
N5 FON C . 3.62 -1.43 -15.44
C6 FON C . 4.83 -1.06 -16.30
C7 FON C . 6.13 -1.31 -15.54
N8 FON C . 5.91 -1.63 -14.24
C8A FON C . 4.86 -2.37 -13.71
C9 FON C . 4.76 -1.73 -17.64
N10 FON C . 5.45 -0.89 -18.63
C11 FON C . 4.33 2.87 -20.45
C12 FON C . 5.62 2.22 -20.62
C13 FON C . 5.91 0.93 -20.13
C14 FON C . 4.97 0.36 -19.25
C15 FON C . 3.65 0.90 -19.10
C16 FON C . 3.29 2.13 -19.77
C FON C . 4.20 4.21 -21.05
O FON C . 3.12 4.82 -20.92
N FON C . 5.25 4.80 -21.76
CA FON C . 5.05 5.79 -22.84
CB FON C . 6.22 6.69 -22.82
CG FON C . 5.94 8.00 -23.60
CD FON C . 7.14 8.92 -23.94
OE1 FON C . 7.00 9.81 -24.82
OE2 FON C . 8.23 8.76 -23.35
CT FON C . 4.84 5.23 -24.31
O1 FON C . 3.79 5.55 -24.90
O2 FON C . 5.72 4.53 -24.88
CP1 FON C . 2.35 -0.63 -15.62
O3 FON C . 1.08 -1.35 -15.60
C1 GOL D . -1.27 5.44 -23.82
O1 GOL D . -2.29 5.52 -22.83
C2 GOL D . -0.31 4.28 -23.46
O2 GOL D . 0.09 4.27 -22.10
C3 GOL D . 0.96 4.30 -24.31
O3 GOL D . 0.71 4.65 -25.66
N1 FON E . 3.14 -0.97 13.14
C2 FON E . 3.64 0.27 13.23
NA2 FON E . 4.81 0.54 12.40
N3 FON E . 3.35 1.27 13.87
C4 FON E . 2.29 1.11 14.77
O4 FON E . 1.88 2.07 15.68
C4A FON E . 1.58 -0.11 14.73
N5 FON E . 0.41 -0.39 15.39
C6 FON E . 0.28 -1.78 16.02
C7 FON E . 0.55 -2.83 14.96
N8 FON E . 1.62 -2.42 14.21
C8A FON E . 2.02 -1.15 13.86
C9 FON E . 1.14 -1.93 17.27
N10 FON E . 0.61 -3.07 18.05
C11 FON E . -3.30 -3.41 19.72
C12 FON E . -2.38 -4.54 19.66
C13 FON E . -1.02 -4.39 19.27
C14 FON E . -0.68 -3.14 18.70
C15 FON E . -1.54 -1.99 18.81
C16 FON E . -2.82 -2.12 19.39
C FON E . -4.67 -3.67 20.16
O FON E . -5.56 -2.92 19.72
N FON E . -4.99 -4.68 21.01
CA FON E . -6.26 -4.73 21.74
CB FON E . -6.55 -6.15 21.94
CG FON E . -7.91 -6.41 22.59
CD FON E . -8.23 -7.89 22.94
OE1 FON E . -9.28 -8.14 23.59
OE2 FON E . -7.47 -8.80 22.57
CT FON E . -6.30 -3.93 23.10
O1 FON E . -7.25 -3.14 23.29
O2 FON E . -5.41 -4.11 23.95
CP1 FON E . -0.74 0.58 15.50
O3 FON E . -1.79 0.33 16.46
C1 GOL F . -8.73 0.82 20.75
O1 GOL F . -8.53 0.42 19.37
C2 GOL F . -7.45 0.49 21.57
O2 GOL F . -6.96 -0.82 21.35
C3 GOL F . -7.68 0.65 23.09
O3 GOL F . -8.57 -0.30 23.61
#